data_3KH2
#
_entry.id   3KH2
#
_cell.length_a   95.899
_cell.length_b   111.277
_cell.length_c   118.747
_cell.angle_alpha   90.00
_cell.angle_beta   90.00
_cell.angle_gamma   90.00
#
_symmetry.space_group_name_H-M   'P 21 21 21'
#
loop_
_entity.id
_entity.type
_entity.pdbx_description
1 polymer 'Death on curing protein'
2 polymer 'Prevent host death protein'
3 non-polymer 'CHLORIDE ION'
4 non-polymer '2-HYDROXYETHYL DISULFIDE'
5 non-polymer GLYCEROL
6 non-polymer 'PHOSPHATE ION'
7 water water
#
loop_
_entity_poly.entity_id
_entity_poly.type
_entity_poly.pdbx_seq_one_letter_code
_entity_poly.pdbx_strand_id
1 'polypeptide(L)'
;(MSE)RHISPEELIALHDANISRYGGLPG(MSE)SDPGRAEAIIGRVQARVAYEEITDLFEVSATYLVATARGHISNDAN
KRTALNSALLFLRRNGVQVFDSPELADLTVGAATGEISVSSVADTLRRLYGSAELEHHHHHH
;
A,B,C,D
2 'polypeptide(L)'
;(MSE)QSINFRTARGNLSEV(MSE)NNVEAGEEVEITRRGREPAVIASKATFEAYKKAALDAEFASLFDTLDSTNKELVN
R
;
E,F,G,H
#
# COMPACT_ATOMS: atom_id res chain seq x y z
N ARG A 2 -19.57 -12.07 -38.60
CA ARG A 2 -20.60 -12.08 -37.57
C ARG A 2 -21.77 -11.18 -37.95
N HIS A 3 -22.97 -11.73 -37.82
CA HIS A 3 -24.20 -11.02 -38.14
C HIS A 3 -25.04 -10.80 -36.89
N ILE A 4 -26.18 -10.11 -37.07
CA ILE A 4 -27.15 -9.82 -36.01
C ILE A 4 -28.41 -10.64 -36.28
N SER A 5 -28.91 -11.36 -35.27
CA SER A 5 -30.08 -12.22 -35.43
C SER A 5 -31.39 -11.45 -35.30
N PRO A 6 -32.49 -11.98 -35.85
CA PRO A 6 -33.78 -11.29 -35.73
C PRO A 6 -34.18 -10.98 -34.29
N GLU A 7 -33.87 -11.89 -33.37
CA GLU A 7 -34.21 -11.68 -31.96
C GLU A 7 -33.28 -10.64 -31.33
N GLU A 8 -32.02 -10.60 -31.77
CA GLU A 8 -31.10 -9.53 -31.36
C GLU A 8 -31.56 -8.17 -31.89
N LEU A 9 -31.99 -8.13 -33.16
CA LEU A 9 -32.44 -6.87 -33.75
C LEU A 9 -33.63 -6.27 -33.01
N ILE A 10 -34.60 -7.10 -32.62
CA ILE A 10 -35.74 -6.62 -31.83
C ILE A 10 -35.25 -6.14 -30.47
N ALA A 11 -34.40 -6.94 -29.82
CA ALA A 11 -33.91 -6.58 -28.51
C ALA A 11 -33.25 -5.21 -28.58
N LEU A 12 -32.50 -4.96 -29.65
CA LEU A 12 -31.80 -3.68 -29.83
C LEU A 12 -32.83 -2.56 -29.92
N HIS A 13 -33.84 -2.77 -30.73
CA HIS A 13 -34.88 -1.79 -30.94
C HIS A 13 -35.58 -1.46 -29.63
N ASP A 14 -36.01 -2.50 -28.92
CA ASP A 14 -36.66 -2.33 -27.61
C ASP A 14 -35.76 -1.56 -26.65
N ALA A 15 -34.49 -1.97 -26.58
CA ALA A 15 -33.53 -1.35 -25.68
C ALA A 15 -33.32 0.13 -25.97
N ASN A 16 -33.32 0.49 -27.24
CA ASN A 16 -33.21 1.89 -27.65
C ASN A 16 -34.44 2.71 -27.27
N ILE A 17 -35.63 2.17 -27.53
CA ILE A 17 -36.88 2.81 -27.13
C ILE A 17 -36.84 3.16 -25.64
N SER A 18 -36.52 2.18 -24.80
CA SER A 18 -36.43 2.38 -23.35
C SER A 18 -35.52 3.54 -22.99
N ARG A 19 -34.35 3.59 -23.61
CA ARG A 19 -33.34 4.59 -23.25
C ARG A 19 -33.65 6.00 -23.78
N TYR A 20 -34.10 6.11 -25.03
CA TYR A 20 -34.17 7.40 -25.71
C TYR A 20 -35.60 7.93 -25.97
N GLY A 21 -36.59 7.05 -25.96
CA GLY A 21 -37.99 7.46 -26.15
C GLY A 21 -38.71 6.67 -27.23
N GLY A 22 -40.04 6.68 -27.16
CA GLY A 22 -40.90 6.01 -28.15
C GLY A 22 -41.96 5.12 -27.51
N LEU A 23 -42.88 4.60 -28.33
CA LEU A 23 -43.93 3.69 -27.85
C LEU A 23 -43.47 2.23 -27.77
N PRO A 24 -43.41 1.67 -26.54
CA PRO A 24 -42.93 0.30 -26.34
C PRO A 24 -43.98 -0.80 -26.57
N GLY A 25 -43.52 -2.05 -26.59
CA GLY A 25 -44.38 -3.25 -26.65
C GLY A 25 -44.96 -3.62 -28.01
N SER A 27 -42.96 -4.04 -31.15
CA SER A 27 -42.02 -4.61 -32.12
C SER A 27 -42.52 -5.91 -32.75
N ASP A 28 -42.65 -5.91 -34.07
CA ASP A 28 -43.11 -7.09 -34.80
C ASP A 28 -41.91 -7.98 -35.10
N PRO A 29 -41.94 -9.24 -34.64
CA PRO A 29 -40.82 -10.12 -34.96
C PRO A 29 -40.75 -10.55 -36.43
N GLY A 30 -41.88 -10.45 -37.15
CA GLY A 30 -41.91 -10.77 -38.56
C GLY A 30 -41.14 -9.75 -39.36
N ARG A 31 -41.23 -8.49 -38.95
CA ARG A 31 -40.46 -7.44 -39.61
C ARG A 31 -38.97 -7.58 -39.29
N ALA A 32 -38.65 -8.00 -38.07
CA ALA A 32 -37.26 -8.25 -37.72
C ALA A 32 -36.72 -9.39 -38.57
N GLU A 33 -37.46 -10.49 -38.63
CA GLU A 33 -37.07 -11.62 -39.44
C GLU A 33 -36.97 -11.22 -40.93
N ALA A 34 -37.89 -10.39 -41.41
CA ALA A 34 -37.88 -9.98 -42.80
C ALA A 34 -36.70 -9.05 -43.09
N ILE A 35 -36.39 -8.16 -42.16
CA ILE A 35 -35.24 -7.26 -42.34
C ILE A 35 -33.92 -8.05 -42.44
N ILE A 36 -33.69 -8.95 -41.48
CA ILE A 36 -32.47 -9.73 -41.49
C ILE A 36 -32.43 -10.60 -42.74
N GLY A 37 -33.56 -11.19 -43.07
CA GLY A 37 -33.66 -12.05 -44.24
C GLY A 37 -33.16 -11.35 -45.50
N ARG A 38 -33.56 -10.10 -45.69
CA ARG A 38 -33.09 -9.30 -46.82
C ARG A 38 -31.58 -9.15 -46.81
N VAL A 39 -31.02 -8.77 -45.67
CA VAL A 39 -29.59 -8.59 -45.52
C VAL A 39 -28.83 -9.87 -45.85
N GLN A 40 -29.30 -11.01 -45.33
CA GLN A 40 -28.61 -12.29 -45.63
C GLN A 40 -28.75 -12.56 -47.11
N ALA A 41 -29.97 -12.45 -47.61
CA ALA A 41 -30.24 -12.74 -49.03
C ALA A 41 -29.36 -11.92 -49.95
N ARG A 42 -29.17 -10.64 -49.62
CA ARG A 42 -28.43 -9.73 -50.50
C ARG A 42 -26.95 -10.10 -50.54
N VAL A 43 -26.44 -10.43 -49.36
CA VAL A 43 -25.08 -10.91 -49.21
C VAL A 43 -24.82 -12.13 -50.07
N ALA A 44 -25.71 -13.11 -50.01
CA ALA A 44 -25.55 -14.35 -50.76
C ALA A 44 -25.70 -14.11 -52.23
N TYR A 45 -26.68 -13.28 -52.59
CA TYR A 45 -27.01 -13.05 -53.99
C TYR A 45 -25.87 -12.31 -54.70
N GLU A 46 -25.39 -11.24 -54.09
CA GLU A 46 -24.29 -10.46 -54.66
C GLU A 46 -22.90 -10.89 -54.20
N GLU A 47 -22.85 -11.92 -53.35
CA GLU A 47 -21.61 -12.48 -52.82
C GLU A 47 -20.76 -11.40 -52.16
N ILE A 48 -21.36 -10.65 -51.25
CA ILE A 48 -20.70 -9.48 -50.64
C ILE A 48 -19.74 -9.90 -49.52
N THR A 49 -18.49 -9.50 -49.67
CA THR A 49 -17.46 -9.72 -48.67
C THR A 49 -17.11 -8.43 -47.90
N ASP A 50 -17.31 -7.27 -48.54
CA ASP A 50 -16.99 -5.96 -47.96
C ASP A 50 -17.88 -5.61 -46.75
N LEU A 51 -17.28 -5.52 -45.57
CA LEU A 51 -18.01 -5.22 -44.32
C LEU A 51 -18.85 -3.93 -44.40
N PHE A 52 -18.37 -2.93 -45.13
CA PHE A 52 -19.07 -1.66 -45.22
C PHE A 52 -20.30 -1.72 -46.12
N GLU A 53 -20.27 -2.57 -47.15
CA GLU A 53 -21.44 -2.82 -48.00
C GLU A 53 -22.52 -3.56 -47.21
N VAL A 54 -22.08 -4.51 -46.40
CA VAL A 54 -22.99 -5.24 -45.55
C VAL A 54 -23.56 -4.28 -44.50
N SER A 55 -22.71 -3.51 -43.85
CA SER A 55 -23.15 -2.54 -42.86
C SER A 55 -24.20 -1.57 -43.44
N ALA A 56 -23.96 -1.10 -44.65
CA ALA A 56 -24.90 -0.23 -45.36
C ALA A 56 -26.28 -0.87 -45.53
N THR A 57 -26.28 -2.19 -45.71
CA THR A 57 -27.50 -2.95 -45.97
C THR A 57 -28.37 -3.02 -44.72
N TYR A 58 -27.76 -3.32 -43.58
CA TYR A 58 -28.47 -3.30 -42.30
C TYR A 58 -29.11 -1.95 -42.09
N LEU A 59 -28.40 -0.89 -42.46
CA LEU A 59 -28.86 0.47 -42.24
C LEU A 59 -30.09 0.79 -43.12
N VAL A 60 -30.01 0.47 -44.41
CA VAL A 60 -31.09 0.77 -45.35
C VAL A 60 -32.28 -0.16 -45.10
N ALA A 61 -32.00 -1.46 -44.99
CA ALA A 61 -33.07 -2.46 -44.76
C ALA A 61 -33.88 -2.10 -43.51
N THR A 62 -33.18 -1.75 -42.42
CA THR A 62 -33.85 -1.43 -41.15
C THR A 62 -34.56 -0.06 -41.18
N ALA A 63 -33.90 0.95 -41.73
CA ALA A 63 -34.48 2.30 -41.76
C ALA A 63 -35.77 2.39 -42.57
N ARG A 64 -35.92 1.47 -43.53
CA ARG A 64 -37.12 1.40 -44.36
C ARG A 64 -38.05 0.21 -44.00
N GLY A 65 -37.61 -0.62 -43.05
CA GLY A 65 -38.29 -1.91 -42.74
C GLY A 65 -39.37 -1.91 -41.65
N HIS A 66 -39.55 -0.77 -40.99
CA HIS A 66 -40.65 -0.58 -40.03
CA HIS A 66 -40.60 -0.54 -39.99
C HIS A 66 -40.88 -1.73 -39.06
N ILE A 67 -39.92 -1.96 -38.15
CA ILE A 67 -40.03 -2.94 -37.07
C ILE A 67 -41.18 -2.57 -36.14
N SER A 68 -41.31 -1.27 -35.91
CA SER A 68 -42.45 -0.70 -35.23
C SER A 68 -42.68 0.74 -35.71
N ASN A 69 -43.65 1.39 -35.08
CA ASN A 69 -44.07 2.74 -35.43
C ASN A 69 -43.09 3.87 -35.10
N ASP A 70 -42.02 3.57 -34.36
CA ASP A 70 -41.05 4.61 -33.95
C ASP A 70 -39.65 4.03 -33.79
N ALA A 71 -38.65 4.92 -33.84
CA ALA A 71 -37.25 4.60 -33.52
C ALA A 71 -36.51 3.78 -34.58
N ASN A 72 -37.04 3.75 -35.79
CA ASN A 72 -36.50 2.87 -36.83
C ASN A 72 -35.15 3.35 -37.34
N LYS A 73 -35.02 4.67 -37.50
CA LYS A 73 -33.76 5.28 -37.89
C LYS A 73 -32.62 5.04 -36.88
N ARG A 74 -32.94 5.07 -35.60
CA ARG A 74 -31.95 4.78 -34.56
C ARG A 74 -31.53 3.31 -34.63
N THR A 75 -32.51 2.43 -34.70
CA THR A 75 -32.24 1.01 -34.76
C THR A 75 -31.43 0.68 -36.02
N ALA A 76 -31.63 1.46 -37.08
CA ALA A 76 -30.90 1.26 -38.33
C ALA A 76 -29.41 1.61 -38.16
N LEU A 77 -29.15 2.84 -37.70
CA LEU A 77 -27.77 3.32 -37.45
C LEU A 77 -27.05 2.42 -36.47
N ASN A 78 -27.70 2.11 -35.35
CA ASN A 78 -27.08 1.30 -34.29
C ASN A 78 -26.78 -0.13 -34.71
N SER A 79 -27.66 -0.74 -35.49
CA SER A 79 -27.41 -2.09 -35.95
C SER A 79 -26.30 -2.09 -37.00
N ALA A 80 -26.27 -1.04 -37.82
CA ALA A 80 -25.19 -0.93 -38.82
C ALA A 80 -23.86 -0.94 -38.07
N LEU A 81 -23.70 0.02 -37.18
CA LEU A 81 -22.45 0.17 -36.46
C LEU A 81 -22.16 -0.99 -35.48
N LEU A 82 -23.18 -1.66 -34.97
CA LEU A 82 -22.95 -2.85 -34.15
C LEU A 82 -22.33 -3.97 -34.98
N PHE A 83 -22.77 -4.10 -36.23
CA PHE A 83 -22.22 -5.09 -37.13
C PHE A 83 -20.73 -4.83 -37.36
N LEU A 84 -20.39 -3.56 -37.66
CA LEU A 84 -18.99 -3.17 -37.84
C LEU A 84 -18.21 -3.48 -36.57
N ARG A 85 -18.71 -3.07 -35.41
CA ARG A 85 -17.99 -3.34 -34.17
C ARG A 85 -17.78 -4.83 -33.94
N ARG A 86 -18.83 -5.63 -34.20
CA ARG A 86 -18.75 -7.08 -34.09
C ARG A 86 -17.75 -7.72 -35.05
N ASN A 87 -17.45 -7.04 -36.15
CA ASN A 87 -16.49 -7.56 -37.11
C ASN A 87 -15.15 -6.83 -37.06
N GLY A 88 -14.79 -6.36 -35.86
CA GLY A 88 -13.44 -5.85 -35.61
C GLY A 88 -13.22 -4.39 -35.93
N VAL A 89 -14.13 -3.78 -36.68
CA VAL A 89 -14.00 -2.37 -37.05
C VAL A 89 -14.37 -1.42 -35.92
N GLN A 90 -13.47 -0.51 -35.58
CA GLN A 90 -13.71 0.45 -34.51
C GLN A 90 -14.62 1.58 -35.00
N VAL A 91 -15.72 1.80 -34.29
CA VAL A 91 -16.73 2.82 -34.64
C VAL A 91 -16.78 3.91 -33.57
N PHE A 92 -17.39 5.05 -33.93
CA PHE A 92 -17.46 6.24 -33.07
C PHE A 92 -18.45 7.23 -33.66
N ASP A 93 -18.97 8.13 -32.83
CA ASP A 93 -19.99 9.08 -33.31
C ASP A 93 -19.40 10.10 -34.27
N SER A 94 -20.25 10.60 -35.16
CA SER A 94 -19.87 11.63 -36.12
C SER A 94 -21.10 12.47 -36.45
N PRO A 95 -20.91 13.79 -36.65
CA PRO A 95 -22.03 14.67 -36.98
C PRO A 95 -22.78 14.28 -38.26
N GLU A 96 -22.11 13.51 -39.11
CA GLU A 96 -22.66 13.03 -40.39
C GLU A 96 -23.74 11.96 -40.29
N LEU A 97 -23.77 11.24 -39.18
CA LEU A 97 -24.58 10.02 -39.07
C LEU A 97 -26.09 10.24 -39.06
N ALA A 98 -26.55 11.39 -38.57
CA ALA A 98 -27.98 11.70 -38.55
C ALA A 98 -28.50 11.92 -39.95
N ASP A 99 -27.89 12.85 -40.69
CA ASP A 99 -28.26 13.08 -42.10
C ASP A 99 -28.18 11.78 -42.88
N LEU A 100 -27.10 11.02 -42.68
CA LEU A 100 -26.90 9.77 -43.41
C LEU A 100 -28.12 8.86 -43.28
N THR A 101 -28.57 8.68 -42.04
CA THR A 101 -29.71 7.80 -41.73
C THR A 101 -31.03 8.33 -42.32
N VAL A 102 -31.25 9.65 -42.20
CA VAL A 102 -32.44 10.28 -42.77
C VAL A 102 -32.48 10.10 -44.29
N GLY A 103 -31.34 10.28 -44.92
CA GLY A 103 -31.22 10.10 -46.36
C GLY A 103 -31.55 8.70 -46.82
N ALA A 104 -31.08 7.70 -46.09
CA ALA A 104 -31.39 6.30 -46.39
C ALA A 104 -32.88 6.01 -46.29
N ALA A 105 -33.52 6.51 -45.23
CA ALA A 105 -34.96 6.37 -45.06
C ALA A 105 -35.79 7.02 -46.19
N THR A 106 -35.42 8.24 -46.59
CA THR A 106 -36.16 8.99 -47.59
C THR A 106 -35.94 8.47 -49.02
N GLY A 107 -34.93 7.63 -49.19
CA GLY A 107 -34.57 7.15 -50.54
C GLY A 107 -33.59 8.06 -51.27
N GLU A 108 -33.23 9.17 -50.65
CA GLU A 108 -32.30 10.15 -51.25
C GLU A 108 -30.86 9.64 -51.33
N ILE A 109 -30.49 8.69 -50.47
CA ILE A 109 -29.15 8.11 -50.44
C ILE A 109 -29.20 6.59 -50.68
N SER A 110 -28.52 6.13 -51.73
CA SER A 110 -28.52 4.72 -52.10
C SER A 110 -27.63 3.90 -51.19
N VAL A 111 -27.78 2.58 -51.25
CA VAL A 111 -27.05 1.66 -50.36
C VAL A 111 -25.54 1.78 -50.55
N SER A 112 -25.12 2.02 -51.78
CA SER A 112 -23.70 2.15 -52.08
C SER A 112 -23.16 3.44 -51.50
N SER A 113 -23.89 4.54 -51.65
CA SER A 113 -23.49 5.82 -51.07
C SER A 113 -23.38 5.77 -49.54
N VAL A 114 -24.23 4.97 -48.91
CA VAL A 114 -24.14 4.77 -47.46
C VAL A 114 -22.86 4.00 -47.15
N ALA A 115 -22.57 3.00 -47.97
CA ALA A 115 -21.37 2.18 -47.80
C ALA A 115 -20.10 3.02 -47.98
N ASP A 116 -20.14 3.96 -48.91
CA ASP A 116 -19.03 4.89 -49.16
C ASP A 116 -18.79 5.75 -47.95
N THR A 117 -19.86 6.37 -47.45
CA THR A 117 -19.76 7.24 -46.28
C THR A 117 -19.21 6.49 -45.10
N LEU A 118 -19.73 5.29 -44.85
CA LEU A 118 -19.28 4.45 -43.73
C LEU A 118 -17.82 4.04 -43.88
N ARG A 119 -17.38 3.81 -45.12
CA ARG A 119 -16.00 3.47 -45.39
C ARG A 119 -15.05 4.63 -45.12
N ARG A 120 -15.37 5.78 -45.69
CA ARG A 120 -14.59 6.98 -45.43
C ARG A 120 -14.37 7.15 -43.92
N LEU A 121 -15.43 7.00 -43.13
CA LEU A 121 -15.38 7.29 -41.69
C LEU A 121 -14.63 6.23 -40.88
N TYR A 122 -14.85 4.96 -41.19
CA TYR A 122 -14.32 3.87 -40.36
C TYR A 122 -13.32 2.93 -41.05
N GLY A 123 -13.09 3.15 -42.34
CA GLY A 123 -12.10 2.37 -43.10
C GLY A 123 -10.66 2.67 -42.73
N SER A 124 -9.73 1.89 -43.31
CA SER A 124 -8.28 2.00 -43.03
C SER A 124 -7.44 1.84 -44.30
N ARG B 2 -30.89 -20.25 -2.15
CA ARG B 2 -29.74 -19.80 -2.94
C ARG B 2 -28.73 -19.08 -2.07
N HIS B 3 -27.45 -19.36 -2.29
CA HIS B 3 -26.38 -18.73 -1.52
C HIS B 3 -25.43 -17.93 -2.39
N ILE B 4 -24.50 -17.22 -1.74
CA ILE B 4 -23.48 -16.42 -2.41
C ILE B 4 -22.14 -17.16 -2.27
N SER B 5 -21.47 -17.40 -3.38
CA SER B 5 -20.17 -18.07 -3.34
C SER B 5 -19.05 -17.13 -2.85
N PRO B 6 -17.95 -17.70 -2.33
CA PRO B 6 -16.80 -16.85 -1.98
C PRO B 6 -16.41 -15.94 -3.16
N GLU B 7 -16.39 -16.54 -4.34
CA GLU B 7 -15.93 -15.84 -5.53
C GLU B 7 -16.88 -14.69 -5.92
N GLU B 8 -18.16 -14.84 -5.58
CA GLU B 8 -19.13 -13.76 -5.78
C GLU B 8 -18.94 -12.65 -4.75
N LEU B 9 -18.73 -13.04 -3.50
CA LEU B 9 -18.55 -12.08 -2.42
C LEU B 9 -17.41 -11.12 -2.74
N ILE B 10 -16.33 -11.67 -3.29
CA ILE B 10 -15.19 -10.88 -3.77
C ILE B 10 -15.59 -9.97 -4.93
N ALA B 11 -16.22 -10.53 -5.96
CA ALA B 11 -16.65 -9.72 -7.10
C ALA B 11 -17.50 -8.53 -6.63
N LEU B 12 -18.33 -8.78 -5.61
CA LEU B 12 -19.24 -7.78 -5.07
C LEU B 12 -18.47 -6.66 -4.38
N HIS B 13 -17.48 -7.05 -3.60
CA HIS B 13 -16.61 -6.11 -2.91
C HIS B 13 -15.84 -5.21 -3.90
N ASP B 14 -15.22 -5.83 -4.91
CA ASP B 14 -14.47 -5.07 -5.94
C ASP B 14 -15.36 -4.13 -6.72
N ALA B 15 -16.56 -4.60 -7.05
CA ALA B 15 -17.53 -3.79 -7.78
C ALA B 15 -17.96 -2.58 -6.95
N ASN B 16 -18.09 -2.79 -5.65
CA ASN B 16 -18.54 -1.73 -4.75
C ASN B 16 -17.46 -0.68 -4.57
N ILE B 17 -16.21 -1.11 -4.46
CA ILE B 17 -15.09 -0.19 -4.30
C ILE B 17 -14.93 0.68 -5.54
N SER B 18 -15.07 0.08 -6.72
CA SER B 18 -15.01 0.82 -7.97
C SER B 18 -16.06 1.93 -7.99
N ARG B 19 -17.29 1.58 -7.63
CA ARG B 19 -18.42 2.49 -7.82
C ARG B 19 -18.50 3.61 -6.78
N TYR B 20 -18.26 3.26 -5.51
CA TYR B 20 -18.50 4.18 -4.39
C TYR B 20 -17.24 4.71 -3.70
N GLY B 21 -16.13 3.97 -3.79
CA GLY B 21 -14.84 4.43 -3.26
C GLY B 21 -14.13 3.40 -2.38
N GLY B 22 -12.84 3.65 -2.12
CA GLY B 22 -12.00 2.76 -1.31
C GLY B 22 -10.74 2.34 -2.04
N LEU B 23 -9.82 1.69 -1.35
CA LEU B 23 -8.58 1.20 -1.97
C LEU B 23 -8.81 -0.15 -2.65
N PRO B 24 -8.55 -0.24 -3.98
CA PRO B 24 -8.81 -1.48 -4.71
C PRO B 24 -7.64 -2.47 -4.71
N GLY B 25 -7.90 -3.66 -5.23
CA GLY B 25 -6.88 -4.71 -5.42
C GLY B 25 -6.46 -5.44 -4.16
N SER B 27 -8.52 -7.55 -1.92
CA SER B 27 -9.49 -8.52 -1.39
C SER B 27 -8.90 -9.92 -1.21
N ASP B 28 -8.93 -10.41 0.04
CA ASP B 28 -8.32 -11.69 0.41
C ASP B 28 -9.34 -12.82 0.17
N PRO B 29 -9.01 -13.77 -0.73
CA PRO B 29 -9.93 -14.90 -0.97
C PRO B 29 -10.17 -15.79 0.25
N GLY B 30 -9.14 -16.00 1.06
CA GLY B 30 -9.25 -16.80 2.28
C GLY B 30 -10.21 -16.19 3.29
N ARG B 31 -10.33 -14.87 3.26
CA ARG B 31 -11.32 -14.15 4.06
C ARG B 31 -12.73 -14.31 3.51
N ALA B 32 -12.85 -14.28 2.19
CA ALA B 32 -14.13 -14.49 1.54
C ALA B 32 -14.59 -15.93 1.80
N GLU B 33 -13.66 -16.87 1.66
CA GLU B 33 -13.94 -18.27 1.95
C GLU B 33 -14.32 -18.49 3.42
N ALA B 34 -13.70 -17.76 4.33
CA ALA B 34 -14.00 -17.89 5.75
C ALA B 34 -15.37 -17.32 6.10
N ILE B 35 -15.75 -16.24 5.41
CA ILE B 35 -17.04 -15.59 5.66
C ILE B 35 -18.19 -16.49 5.20
N ILE B 36 -18.10 -16.98 3.98
CA ILE B 36 -19.11 -17.90 3.47
C ILE B 36 -19.11 -19.21 4.23
N GLY B 37 -17.92 -19.68 4.60
CA GLY B 37 -17.79 -20.88 5.41
C GLY B 37 -18.53 -20.80 6.73
N ARG B 38 -18.49 -19.62 7.36
CA ARG B 38 -19.19 -19.40 8.61
C ARG B 38 -20.71 -19.32 8.44
N VAL B 39 -21.15 -18.67 7.38
CA VAL B 39 -22.57 -18.58 7.10
C VAL B 39 -23.11 -19.97 6.82
N GLN B 40 -22.45 -20.70 5.92
CA GLN B 40 -22.91 -22.04 5.59
C GLN B 40 -22.92 -22.93 6.83
N ALA B 41 -21.89 -22.81 7.67
CA ALA B 41 -21.78 -23.68 8.86
C ALA B 41 -22.90 -23.40 9.86
N ARG B 42 -23.14 -22.12 10.15
CA ARG B 42 -24.19 -21.73 11.11
C ARG B 42 -25.54 -22.28 10.67
N VAL B 43 -25.78 -22.20 9.36
CA VAL B 43 -27.05 -22.63 8.81
C VAL B 43 -27.25 -24.10 9.06
N ALA B 44 -26.24 -24.91 8.75
CA ALA B 44 -26.34 -26.35 8.95
C ALA B 44 -26.48 -26.70 10.45
N TYR B 45 -25.63 -26.11 11.29
CA TYR B 45 -25.55 -26.49 12.70
C TYR B 45 -26.83 -26.16 13.43
N GLU B 46 -27.37 -24.98 13.15
CA GLU B 46 -28.59 -24.51 13.80
C GLU B 46 -29.85 -24.87 13.01
N GLU B 47 -29.66 -25.46 11.83
CA GLU B 47 -30.76 -25.88 10.99
C GLU B 47 -31.69 -24.70 10.78
N ILE B 48 -31.14 -23.63 10.20
CA ILE B 48 -31.87 -22.37 10.02
C ILE B 48 -32.68 -22.39 8.74
N THR B 49 -34.01 -22.32 8.86
CA THR B 49 -34.89 -22.19 7.70
C THR B 49 -35.32 -20.75 7.39
N ASP B 50 -35.16 -19.86 8.37
CA ASP B 50 -35.64 -18.47 8.27
C ASP B 50 -34.71 -17.60 7.42
N LEU B 51 -35.22 -17.08 6.30
CA LEU B 51 -34.39 -16.35 5.32
C LEU B 51 -33.73 -15.10 5.89
N PHE B 52 -34.34 -14.50 6.90
CA PHE B 52 -33.90 -13.21 7.44
C PHE B 52 -32.80 -13.38 8.47
N GLU B 53 -32.81 -14.53 9.14
CA GLU B 53 -31.72 -14.93 10.04
C GLU B 53 -30.46 -15.14 9.20
N VAL B 54 -30.61 -15.88 8.10
CA VAL B 54 -29.49 -16.18 7.20
C VAL B 54 -28.92 -14.90 6.61
N SER B 55 -29.81 -14.01 6.17
CA SER B 55 -29.40 -12.70 5.70
C SER B 55 -28.59 -12.02 6.79
N ALA B 56 -29.14 -11.93 7.99
CA ALA B 56 -28.44 -11.30 9.11
C ALA B 56 -27.05 -11.89 9.34
N THR B 57 -26.89 -13.19 9.12
CA THR B 57 -25.62 -13.86 9.29
C THR B 57 -24.62 -13.38 8.24
N TYR B 58 -25.03 -13.37 6.97
CA TYR B 58 -24.18 -12.80 5.91
C TYR B 58 -23.68 -11.41 6.31
N LEU B 59 -24.59 -10.64 6.89
CA LEU B 59 -24.35 -9.23 7.19
C LEU B 59 -23.30 -9.05 8.31
N VAL B 60 -23.50 -9.70 9.46
CA VAL B 60 -22.52 -9.65 10.54
C VAL B 60 -21.20 -10.34 10.14
N ALA B 61 -21.30 -11.53 9.56
CA ALA B 61 -20.11 -12.29 9.18
C ALA B 61 -19.22 -11.48 8.25
N THR B 62 -19.82 -10.87 7.24
CA THR B 62 -19.05 -10.03 6.31
C THR B 62 -18.57 -8.73 6.99
N ALA B 63 -19.44 -8.04 7.72
CA ALA B 63 -19.09 -6.77 8.39
C ALA B 63 -17.86 -6.90 9.29
N ARG B 64 -17.72 -8.05 9.94
CA ARG B 64 -16.60 -8.31 10.86
C ARG B 64 -15.56 -9.24 10.23
N GLY B 65 -15.75 -9.60 8.97
CA GLY B 65 -14.92 -10.60 8.29
C GLY B 65 -13.65 -10.07 7.65
N HIS B 66 -13.54 -8.75 7.52
CA HIS B 66 -12.32 -8.10 7.03
CA HIS B 66 -12.31 -8.13 7.04
C HIS B 66 -11.83 -8.72 5.70
N ILE B 67 -12.61 -8.54 4.64
CA ILE B 67 -12.22 -8.97 3.27
C ILE B 67 -11.07 -8.10 2.77
N SER B 68 -11.13 -6.82 3.09
CA SER B 68 -10.01 -5.89 2.92
C SER B 68 -10.14 -4.80 3.96
N ASN B 69 -9.24 -3.82 3.92
CA ASN B 69 -9.21 -2.73 4.89
C ASN B 69 -10.23 -1.63 4.59
N ASP B 70 -11.11 -1.85 3.62
CA ASP B 70 -12.06 -0.84 3.17
C ASP B 70 -13.37 -1.49 2.69
N ALA B 71 -14.48 -0.77 2.84
CA ALA B 71 -15.78 -1.13 2.24
C ALA B 71 -16.44 -2.40 2.77
N ASN B 72 -16.07 -2.83 3.99
CA ASN B 72 -16.59 -4.06 4.57
C ASN B 72 -18.04 -3.94 5.03
N LYS B 73 -18.42 -2.75 5.51
CA LYS B 73 -19.83 -2.50 5.88
C LYS B 73 -20.71 -2.53 4.65
N ARG B 74 -20.25 -1.95 3.55
CA ARG B 74 -21.01 -1.96 2.29
C ARG B 74 -21.19 -3.37 1.73
N THR B 75 -20.11 -4.14 1.68
CA THR B 75 -20.19 -5.51 1.19
C THR B 75 -21.15 -6.30 2.08
N ALA B 76 -21.01 -6.11 3.39
CA ALA B 76 -21.88 -6.76 4.36
C ALA B 76 -23.35 -6.51 4.05
N LEU B 77 -23.71 -5.23 3.90
CA LEU B 77 -25.10 -4.86 3.68
C LEU B 77 -25.58 -5.43 2.36
N ASN B 78 -24.84 -5.14 1.29
CA ASN B 78 -25.23 -5.58 -0.03
C ASN B 78 -25.31 -7.10 -0.15
N SER B 79 -24.39 -7.81 0.47
CA SER B 79 -24.42 -9.27 0.43
C SER B 79 -25.71 -9.77 1.06
N ALA B 80 -26.04 -9.23 2.23
CA ALA B 80 -27.25 -9.64 2.94
C ALA B 80 -28.47 -9.45 2.06
N LEU B 81 -28.63 -8.27 1.47
CA LEU B 81 -29.80 -7.98 0.65
C LEU B 81 -29.76 -8.68 -0.71
N LEU B 82 -28.58 -9.03 -1.19
CA LEU B 82 -28.47 -9.82 -2.42
C LEU B 82 -28.99 -11.22 -2.19
N PHE B 83 -28.65 -11.77 -1.02
CA PHE B 83 -29.19 -13.04 -0.59
C PHE B 83 -30.70 -12.97 -0.65
N LEU B 84 -31.27 -11.95 -0.03
CA LEU B 84 -32.73 -11.85 0.03
C LEU B 84 -33.33 -11.83 -1.39
N ARG B 85 -32.83 -10.93 -2.23
CA ARG B 85 -33.33 -10.78 -3.59
C ARG B 85 -33.24 -12.11 -4.34
N ARG B 86 -32.13 -12.80 -4.20
CA ARG B 86 -31.93 -14.09 -4.85
C ARG B 86 -32.89 -15.17 -4.39
N ASN B 87 -33.41 -15.07 -3.17
CA ASN B 87 -34.38 -16.03 -2.65
C ASN B 87 -35.82 -15.54 -2.75
N GLY B 88 -36.08 -14.59 -3.64
CA GLY B 88 -37.45 -14.18 -3.97
C GLY B 88 -38.08 -13.10 -3.10
N VAL B 89 -37.27 -12.49 -2.23
CA VAL B 89 -37.75 -11.44 -1.35
C VAL B 89 -37.44 -10.08 -1.96
N GLN B 90 -38.46 -9.25 -2.07
CA GLN B 90 -38.29 -7.91 -2.61
C GLN B 90 -37.58 -7.06 -1.57
N VAL B 91 -36.52 -6.36 -1.98
CA VAL B 91 -35.77 -5.47 -1.08
C VAL B 91 -35.77 -4.03 -1.57
N PHE B 92 -35.44 -3.11 -0.68
CA PHE B 92 -35.42 -1.66 -0.99
C PHE B 92 -34.63 -0.89 0.07
N ASP B 93 -34.23 0.33 -0.26
CA ASP B 93 -33.44 1.16 0.66
C ASP B 93 -34.31 1.70 1.78
N SER B 94 -33.73 1.76 2.98
CA SER B 94 -34.43 2.27 4.16
C SER B 94 -33.53 3.16 5.00
N PRO B 95 -34.07 4.21 5.61
CA PRO B 95 -33.27 5.16 6.39
C PRO B 95 -32.41 4.51 7.48
N GLU B 96 -32.89 3.40 8.02
CA GLU B 96 -32.21 2.73 9.13
C GLU B 96 -31.15 1.70 8.72
N LEU B 97 -30.97 1.45 7.43
CA LEU B 97 -29.96 0.48 6.98
C LEU B 97 -28.53 0.88 7.37
N ALA B 98 -28.20 2.17 7.29
CA ALA B 98 -26.84 2.62 7.59
C ALA B 98 -26.49 2.38 9.06
N ASP B 99 -27.30 2.91 9.97
CA ASP B 99 -27.15 2.66 11.41
C ASP B 99 -27.07 1.17 11.71
N LEU B 100 -27.97 0.39 11.12
CA LEU B 100 -27.98 -1.06 11.33
C LEU B 100 -26.61 -1.66 11.04
N THR B 101 -26.12 -1.39 9.84
CA THR B 101 -24.87 -1.97 9.39
C THR B 101 -23.69 -1.59 10.28
N VAL B 102 -23.63 -0.33 10.74
CA VAL B 102 -22.53 0.12 11.58
C VAL B 102 -22.51 -0.58 12.95
N GLY B 103 -23.68 -0.66 13.59
CA GLY B 103 -23.82 -1.35 14.87
C GLY B 103 -23.56 -2.85 14.74
N ALA B 104 -23.87 -3.39 13.56
CA ALA B 104 -23.51 -4.75 13.23
C ALA B 104 -21.99 -4.91 13.26
N ALA B 105 -21.30 -4.02 12.55
CA ALA B 105 -19.85 -4.08 12.40
C ALA B 105 -19.08 -3.89 13.72
N THR B 106 -19.67 -3.16 14.67
CA THR B 106 -19.02 -2.84 15.94
C THR B 106 -19.42 -3.76 17.08
N GLY B 107 -20.31 -4.72 16.79
CA GLY B 107 -20.76 -5.69 17.81
C GLY B 107 -21.86 -5.19 18.75
N GLU B 108 -22.31 -3.96 18.57
CA GLU B 108 -23.34 -3.38 19.43
C GLU B 108 -24.74 -3.86 19.07
N ILE B 109 -24.88 -4.38 17.85
CA ILE B 109 -26.13 -4.99 17.39
C ILE B 109 -25.82 -6.42 16.97
N SER B 110 -26.50 -7.39 17.59
CA SER B 110 -26.24 -8.82 17.36
C SER B 110 -26.98 -9.38 16.15
N VAL B 111 -26.72 -10.65 15.83
CA VAL B 111 -27.30 -11.27 14.64
C VAL B 111 -28.83 -11.29 14.68
N SER B 112 -29.40 -11.59 15.85
CA SER B 112 -30.85 -11.68 15.99
C SER B 112 -31.53 -10.34 15.76
N SER B 113 -30.97 -9.28 16.34
CA SER B 113 -31.52 -7.94 16.17
C SER B 113 -31.49 -7.50 14.72
N VAL B 114 -30.41 -7.82 14.02
CA VAL B 114 -30.31 -7.52 12.60
C VAL B 114 -31.35 -8.34 11.86
N ALA B 115 -31.55 -9.58 12.29
CA ALA B 115 -32.57 -10.45 11.69
C ALA B 115 -33.96 -9.88 11.90
N ASP B 116 -34.26 -9.44 13.12
CA ASP B 116 -35.57 -8.85 13.44
C ASP B 116 -35.86 -7.58 12.62
N THR B 117 -34.82 -6.79 12.37
CA THR B 117 -35.00 -5.55 11.60
C THR B 117 -35.20 -5.85 10.10
N LEU B 118 -34.48 -6.84 9.59
CA LEU B 118 -34.66 -7.25 8.20
C LEU B 118 -36.04 -7.89 8.03
N ARG B 119 -36.43 -8.71 9.01
CA ARG B 119 -37.74 -9.39 8.98
C ARG B 119 -38.87 -8.38 9.07
N ARG B 120 -38.64 -7.29 9.78
CA ARG B 120 -39.64 -6.24 9.91
C ARG B 120 -39.75 -5.50 8.59
N LEU B 121 -38.61 -5.05 8.06
CA LEU B 121 -38.57 -4.25 6.83
C LEU B 121 -39.02 -4.99 5.57
N TYR B 122 -38.67 -6.28 5.48
CA TYR B 122 -38.82 -7.03 4.22
C TYR B 122 -39.66 -8.28 4.31
N GLY B 123 -40.06 -8.66 5.52
CA GLY B 123 -40.88 -9.86 5.74
C GLY B 123 -42.30 -9.49 6.14
N SER B 124 -43.29 -10.11 5.50
CA SER B 124 -44.70 -9.82 5.77
C SER B 124 -45.02 -10.01 7.26
N ARG C 2 42.66 14.65 38.37
CA ARG C 2 41.92 15.92 38.47
C ARG C 2 40.65 15.88 37.63
N HIS C 3 39.53 16.27 38.24
CA HIS C 3 38.24 16.25 37.55
C HIS C 3 37.65 17.65 37.39
N ILE C 4 36.60 17.73 36.58
CA ILE C 4 35.84 18.97 36.41
C ILE C 4 34.57 18.87 37.28
N SER C 5 34.27 19.94 38.00
CA SER C 5 33.11 19.96 38.88
C SER C 5 31.87 20.47 38.13
N PRO C 6 30.68 20.13 38.64
CA PRO C 6 29.49 20.64 37.99
C PRO C 6 29.49 22.15 37.80
N GLU C 7 29.96 22.89 38.80
CA GLU C 7 29.99 24.36 38.73
C GLU C 7 30.88 24.84 37.60
N GLU C 8 31.99 24.14 37.39
CA GLU C 8 32.93 24.49 36.33
C GLU C 8 32.37 24.20 34.94
N LEU C 9 31.72 23.05 34.81
CA LEU C 9 31.11 22.63 33.56
C LEU C 9 30.08 23.66 33.08
N ILE C 10 29.19 24.08 33.99
CA ILE C 10 28.23 25.14 33.65
C ILE C 10 28.97 26.43 33.33
N ALA C 11 30.01 26.71 34.11
CA ALA C 11 30.86 27.86 33.85
C ALA C 11 31.42 27.79 32.42
N LEU C 12 32.00 26.63 32.08
CA LEU C 12 32.60 26.39 30.78
C LEU C 12 31.60 26.60 29.65
N HIS C 13 30.36 26.21 29.89
CA HIS C 13 29.32 26.34 28.90
C HIS C 13 28.95 27.80 28.64
N ASP C 14 28.69 28.54 29.73
CA ASP C 14 28.32 29.96 29.63
C ASP C 14 29.42 30.78 28.96
N ALA C 15 30.68 30.46 29.27
CA ALA C 15 31.84 31.17 28.71
C ALA C 15 31.97 30.94 27.20
N ASN C 16 31.74 29.71 26.78
CA ASN C 16 31.79 29.37 25.35
C ASN C 16 30.68 30.10 24.55
N ILE C 17 29.53 30.31 25.18
CA ILE C 17 28.42 30.99 24.52
C ILE C 17 28.71 32.48 24.30
N SER C 18 29.14 33.17 25.37
CA SER C 18 29.54 34.59 25.25
C SER C 18 30.49 34.79 24.07
N ARG C 19 31.53 33.97 24.03
CA ARG C 19 32.54 34.08 22.99
C ARG C 19 32.01 33.71 21.61
N TYR C 20 31.61 32.45 21.44
CA TYR C 20 31.33 31.88 20.12
C TYR C 20 29.87 31.93 19.66
N GLY C 21 28.93 32.20 20.56
CA GLY C 21 27.52 32.42 20.20
C GLY C 21 26.54 31.35 20.66
N GLY C 22 25.27 31.75 20.78
CA GLY C 22 24.17 30.88 21.26
C GLY C 22 23.21 31.64 22.16
N LEU C 23 22.10 31.01 22.55
CA LEU C 23 21.10 31.62 23.42
C LEU C 23 21.56 31.63 24.88
N PRO C 24 21.72 32.83 25.49
CA PRO C 24 22.37 32.94 26.80
C PRO C 24 21.46 32.62 27.98
N GLY C 25 22.09 32.22 29.10
CA GLY C 25 21.39 31.68 30.26
C GLY C 25 20.92 30.25 30.00
N SER C 27 20.88 27.17 31.58
CA SER C 27 21.65 25.95 31.82
C SER C 27 21.15 25.35 33.12
N ASP C 28 21.01 24.03 33.14
CA ASP C 28 20.40 23.34 34.28
C ASP C 28 21.48 22.71 35.17
N PRO C 29 21.69 23.26 36.37
CA PRO C 29 22.73 22.71 37.25
C PRO C 29 22.56 21.21 37.49
N GLY C 30 21.31 20.76 37.63
CA GLY C 30 21.01 19.33 37.78
C GLY C 30 21.57 18.47 36.65
N ARG C 31 21.57 19.02 35.45
CA ARG C 31 22.18 18.34 34.30
C ARG C 31 23.69 18.28 34.45
N ALA C 32 24.28 19.43 34.77
CA ALA C 32 25.72 19.51 35.01
C ALA C 32 26.08 18.45 36.03
N GLU C 33 25.36 18.44 37.15
CA GLU C 33 25.62 17.48 38.21
C GLU C 33 25.41 16.05 37.74
N ALA C 34 24.35 15.82 36.95
CA ALA C 34 24.06 14.48 36.44
C ALA C 34 25.21 13.98 35.58
N ILE C 35 25.78 14.89 34.80
CA ILE C 35 26.88 14.56 33.88
C ILE C 35 28.18 14.21 34.61
N ILE C 36 28.53 15.02 35.60
CA ILE C 36 29.76 14.77 36.36
C ILE C 36 29.58 13.50 37.20
N GLY C 37 28.38 13.30 37.71
CA GLY C 37 28.04 12.07 38.44
C GLY C 37 28.29 10.84 37.60
N ARG C 38 27.85 10.87 36.34
CA ARG C 38 28.03 9.73 35.44
C ARG C 38 29.51 9.42 35.27
N VAL C 39 30.30 10.46 35.02
CA VAL C 39 31.72 10.30 34.78
C VAL C 39 32.40 9.68 36.00
N GLN C 40 32.08 10.20 37.18
CA GLN C 40 32.72 9.76 38.42
C GLN C 40 32.30 8.34 38.76
N ALA C 41 31.06 8.00 38.45
CA ALA C 41 30.51 6.68 38.74
C ALA C 41 31.10 5.64 37.82
N ARG C 42 31.34 6.03 36.56
CA ARG C 42 31.93 5.09 35.60
C ARG C 42 33.36 4.83 36.00
N VAL C 43 34.08 5.89 36.36
CA VAL C 43 35.45 5.75 36.85
C VAL C 43 35.51 4.77 38.03
N ALA C 44 34.66 4.98 39.02
CA ALA C 44 34.66 4.14 40.21
C ALA C 44 34.18 2.73 39.93
N TYR C 45 33.22 2.55 39.02
CA TYR C 45 32.63 1.23 38.84
C TYR C 45 33.52 0.30 38.05
N GLU C 46 34.11 0.81 36.98
CA GLU C 46 34.97 0.01 36.10
C GLU C 46 36.44 0.18 36.49
N GLU C 47 36.70 0.98 37.52
CA GLU C 47 38.07 1.22 38.01
C GLU C 47 39.00 1.67 36.88
N ILE C 48 38.59 2.72 36.18
CA ILE C 48 39.34 3.26 35.07
C ILE C 48 40.53 4.05 35.60
N THR C 49 41.72 3.74 35.07
CA THR C 49 42.91 4.56 35.30
C THR C 49 43.31 5.37 34.05
N ASP C 50 42.90 4.89 32.87
CA ASP C 50 43.28 5.53 31.61
C ASP C 50 42.64 6.89 31.37
N LEU C 51 43.47 7.91 31.22
CA LEU C 51 42.96 9.27 31.04
C LEU C 51 42.13 9.47 29.77
N PHE C 52 42.43 8.70 28.73
CA PHE C 52 41.73 8.89 27.46
C PHE C 52 40.33 8.29 27.46
N GLU C 53 40.14 7.18 28.18
CA GLU C 53 38.80 6.61 28.40
C GLU C 53 37.97 7.60 29.22
N VAL C 54 38.56 8.07 30.31
CA VAL C 54 37.90 9.07 31.17
C VAL C 54 37.54 10.35 30.40
N SER C 55 38.41 10.77 29.48
CA SER C 55 38.14 11.95 28.66
C SER C 55 36.99 11.68 27.72
N ALA C 56 37.03 10.52 27.09
CA ALA C 56 35.97 10.09 26.17
C ALA C 56 34.62 10.14 26.85
N THR C 57 34.60 9.78 28.13
CA THR C 57 33.36 9.80 28.90
C THR C 57 32.83 11.22 29.15
N TYR C 58 33.70 12.16 29.53
CA TYR C 58 33.29 13.57 29.62
C TYR C 58 32.69 14.03 28.29
N LEU C 59 33.33 13.62 27.19
CA LEU C 59 32.91 14.05 25.85
C LEU C 59 31.52 13.51 25.49
N VAL C 60 31.32 12.21 25.63
CA VAL C 60 30.05 11.57 25.29
C VAL C 60 28.93 11.98 26.25
N ALA C 61 29.17 11.88 27.56
CA ALA C 61 28.13 12.18 28.55
C ALA C 61 27.63 13.61 28.42
N THR C 62 28.54 14.57 28.18
CA THR C 62 28.17 15.98 28.03
C THR C 62 27.41 16.24 26.73
N ALA C 63 27.89 15.62 25.64
CA ALA C 63 27.32 15.80 24.31
C ALA C 63 25.89 15.27 24.23
N ARG C 64 25.58 14.24 25.02
CA ARG C 64 24.23 13.70 25.11
C ARG C 64 23.53 14.07 26.41
N GLY C 65 24.08 15.06 27.13
CA GLY C 65 23.63 15.41 28.46
C GLY C 65 22.59 16.53 28.51
N HIS C 66 22.49 17.30 27.42
CA HIS C 66 21.52 18.39 27.31
CA HIS C 66 21.51 18.39 27.32
C HIS C 66 21.59 19.37 28.49
N ILE C 67 22.79 19.90 28.75
CA ILE C 67 22.98 20.96 29.76
C ILE C 67 22.10 22.17 29.45
N SER C 68 21.97 22.46 28.15
CA SER C 68 21.06 23.49 27.67
C SER C 68 20.67 23.19 26.22
N ASN C 69 19.78 24.03 25.67
CA ASN C 69 19.32 23.87 24.28
C ASN C 69 20.42 24.07 23.22
N ASP C 70 21.45 24.87 23.52
CA ASP C 70 22.46 25.25 22.53
C ASP C 70 23.89 25.03 23.03
N ALA C 71 24.80 24.79 22.09
CA ALA C 71 26.24 24.66 22.38
C ALA C 71 26.65 23.50 23.31
N ASN C 72 25.86 22.43 23.33
CA ASN C 72 26.22 21.22 24.08
C ASN C 72 27.44 20.53 23.49
N LYS C 73 27.59 20.64 22.16
CA LYS C 73 28.69 19.98 21.43
C LYS C 73 30.05 20.61 21.73
N ARG C 74 30.06 21.92 21.91
CA ARG C 74 31.29 22.62 22.26
C ARG C 74 31.67 22.36 23.72
N THR C 75 30.69 22.39 24.60
CA THR C 75 30.94 22.06 26.01
C THR C 75 31.54 20.65 26.14
N ALA C 76 31.09 19.75 25.27
CA ALA C 76 31.51 18.34 25.27
C ALA C 76 32.99 18.22 24.91
N LEU C 77 33.36 18.76 23.76
CA LEU C 77 34.76 18.71 23.29
C LEU C 77 35.70 19.43 24.25
N ASN C 78 35.34 20.67 24.57
CA ASN C 78 36.15 21.52 25.42
C ASN C 78 36.38 20.91 26.80
N SER C 79 35.32 20.35 27.40
CA SER C 79 35.47 19.67 28.69
C SER C 79 36.43 18.49 28.57
N ALA C 80 36.19 17.63 27.59
CA ALA C 80 37.07 16.46 27.35
C ALA C 80 38.56 16.83 27.26
N LEU C 81 38.88 17.87 26.51
CA LEU C 81 40.28 18.29 26.32
C LEU C 81 40.79 19.11 27.51
N LEU C 82 39.90 19.88 28.13
CA LEU C 82 40.27 20.55 29.38
C LEU C 82 40.65 19.51 30.42
N PHE C 83 39.93 18.39 30.46
CA PHE C 83 40.26 17.33 31.43
C PHE C 83 41.70 16.85 31.20
N LEU C 84 42.01 16.48 29.97
CA LEU C 84 43.37 16.03 29.61
C LEU C 84 44.45 17.04 30.03
N ARG C 85 44.28 18.30 29.65
CA ARG C 85 45.26 19.33 29.98
C ARG C 85 45.49 19.40 31.50
N ARG C 86 44.42 19.23 32.26
CA ARG C 86 44.49 19.27 33.71
C ARG C 86 45.32 18.11 34.27
N ASN C 87 45.38 17.01 33.53
CA ASN C 87 46.15 15.83 33.93
C ASN C 87 47.50 15.71 33.21
N GLY C 88 48.00 16.84 32.70
CA GLY C 88 49.34 16.91 32.13
C GLY C 88 49.48 16.21 30.79
N VAL C 89 48.47 16.36 29.94
CA VAL C 89 48.53 15.88 28.56
C VAL C 89 48.36 17.08 27.64
N GLN C 90 49.39 17.37 26.85
CA GLN C 90 49.34 18.48 25.92
C GLN C 90 48.30 18.17 24.85
N VAL C 91 47.43 19.15 24.59
CA VAL C 91 46.37 19.01 23.58
C VAL C 91 46.40 20.18 22.59
N PHE C 92 45.71 19.98 21.47
CA PHE C 92 45.70 20.95 20.38
C PHE C 92 44.58 20.66 19.39
N ASP C 93 44.28 21.63 18.53
CA ASP C 93 43.20 21.50 17.56
C ASP C 93 43.63 20.57 16.43
N SER C 94 42.73 19.65 16.07
CA SER C 94 42.93 18.77 14.91
C SER C 94 41.76 18.94 13.94
N PRO C 95 42.00 18.81 12.62
CA PRO C 95 40.91 18.97 11.65
C PRO C 95 39.73 18.02 11.84
N GLU C 96 39.98 16.85 12.44
CA GLU C 96 38.94 15.84 12.65
C GLU C 96 38.09 16.00 13.92
N LEU C 97 38.37 16.99 14.76
CA LEU C 97 37.71 17.08 16.08
C LEU C 97 36.19 17.30 16.00
N ALA C 98 35.73 18.03 14.99
CA ALA C 98 34.30 18.34 14.83
C ALA C 98 33.48 17.08 14.50
N ASP C 99 33.92 16.34 13.49
CA ASP C 99 33.29 15.06 13.12
C ASP C 99 33.27 14.09 14.30
N LEU C 100 34.36 14.05 15.05
CA LEU C 100 34.37 13.25 16.28
C LEU C 100 33.28 13.73 17.24
N THR C 101 33.25 15.04 17.48
CA THR C 101 32.28 15.62 18.42
C THR C 101 30.83 15.40 17.98
N VAL C 102 30.53 15.71 16.72
CA VAL C 102 29.16 15.53 16.21
C VAL C 102 28.81 14.04 16.20
N GLY C 103 29.78 13.21 15.80
CA GLY C 103 29.62 11.76 15.81
C GLY C 103 29.25 11.23 17.19
N ALA C 104 29.87 11.80 18.21
CA ALA C 104 29.60 11.42 19.61
C ALA C 104 28.20 11.85 20.05
N ALA C 105 27.83 13.08 19.67
CA ALA C 105 26.53 13.65 20.03
C ALA C 105 25.36 12.85 19.45
N THR C 106 25.48 12.40 18.21
CA THR C 106 24.41 11.65 17.55
C THR C 106 24.43 10.16 17.88
N GLY C 107 25.48 9.70 18.57
CA GLY C 107 25.59 8.31 19.01
C GLY C 107 26.26 7.38 18.02
N GLU C 108 26.62 7.89 16.85
CA GLU C 108 27.26 7.09 15.80
C GLU C 108 28.62 6.57 16.26
N ILE C 109 29.34 7.40 17.03
CA ILE C 109 30.67 7.05 17.53
C ILE C 109 30.64 6.74 19.03
N SER C 110 31.11 5.54 19.41
CA SER C 110 31.02 5.06 20.79
C SER C 110 32.12 5.62 21.68
N VAL C 111 31.99 5.40 22.99
CA VAL C 111 32.98 5.92 23.95
C VAL C 111 34.37 5.35 23.70
N SER C 112 34.45 4.02 23.53
CA SER C 112 35.75 3.33 23.32
C SER C 112 36.40 3.76 21.99
N SER C 113 35.54 4.00 21.01
CA SER C 113 35.97 4.59 19.74
C SER C 113 36.50 6.03 19.94
N VAL C 114 35.78 6.84 20.72
CA VAL C 114 36.24 8.19 21.05
C VAL C 114 37.58 8.13 21.80
N ALA C 115 37.68 7.20 22.75
CA ALA C 115 38.92 6.97 23.48
C ALA C 115 40.09 6.71 22.53
N ASP C 116 39.87 5.86 21.53
CA ASP C 116 40.91 5.46 20.58
C ASP C 116 41.48 6.64 19.80
N THR C 117 40.61 7.45 19.20
CA THR C 117 41.03 8.63 18.44
C THR C 117 41.80 9.59 19.35
N LEU C 118 41.17 9.98 20.46
CA LEU C 118 41.78 10.87 21.46
C LEU C 118 43.17 10.39 21.85
N ARG C 119 43.32 9.09 22.00
CA ARG C 119 44.61 8.53 22.29
C ARG C 119 45.53 8.67 21.07
N ARG C 120 45.02 8.26 19.93
CA ARG C 120 45.80 8.32 18.70
C ARG C 120 46.35 9.73 18.51
N LEU C 121 45.55 10.74 18.85
CA LEU C 121 45.95 12.13 18.66
C LEU C 121 46.98 12.60 19.69
N TYR C 122 46.63 12.49 20.97
CA TYR C 122 47.43 13.10 22.04
C TYR C 122 48.19 12.09 22.92
N GLY C 123 48.18 10.82 22.53
CA GLY C 123 48.92 9.77 23.26
C GLY C 123 50.42 9.79 22.95
N ARG D 2 21.49 4.18 8.58
CA ARG D 2 20.71 3.89 7.39
C ARG D 2 19.47 3.07 7.72
N HIS D 3 18.34 3.48 7.19
CA HIS D 3 17.05 2.86 7.50
C HIS D 3 16.41 2.23 6.26
N ILE D 4 15.30 1.53 6.50
CA ILE D 4 14.48 0.93 5.44
C ILE D 4 13.25 1.82 5.28
N SER D 5 12.95 2.23 4.04
CA SER D 5 11.79 3.08 3.75
C SER D 5 10.48 2.27 3.66
N PRO D 6 9.33 2.95 3.61
CA PRO D 6 8.09 2.21 3.39
C PRO D 6 8.04 1.52 2.03
N GLU D 7 8.53 2.19 1.00
CA GLU D 7 8.49 1.65 -0.35
C GLU D 7 9.41 0.45 -0.49
N GLU D 8 10.48 0.42 0.32
CA GLU D 8 11.43 -0.72 0.31
C GLU D 8 10.82 -1.91 1.01
N LEU D 9 10.18 -1.65 2.13
CA LEU D 9 9.55 -2.71 2.94
C LEU D 9 8.45 -3.41 2.15
N ILE D 10 7.65 -2.65 1.41
CA ILE D 10 6.67 -3.25 0.51
C ILE D 10 7.39 -4.14 -0.50
N ALA D 11 8.45 -3.59 -1.09
CA ALA D 11 9.21 -4.28 -2.12
C ALA D 11 9.79 -5.59 -1.57
N LEU D 12 10.35 -5.51 -0.36
CA LEU D 12 10.95 -6.67 0.31
C LEU D 12 9.91 -7.76 0.51
N HIS D 13 8.72 -7.36 0.88
CA HIS D 13 7.64 -8.31 1.14
C HIS D 13 7.24 -8.99 -0.16
N ASP D 14 6.97 -8.18 -1.18
CA ASP D 14 6.60 -8.68 -2.49
C ASP D 14 7.63 -9.64 -3.09
N ALA D 15 8.92 -9.28 -2.96
CA ALA D 15 10.01 -10.10 -3.49
C ALA D 15 10.12 -11.42 -2.74
N ASN D 16 9.79 -11.39 -1.45
CA ASN D 16 9.85 -12.56 -0.59
C ASN D 16 8.73 -13.57 -0.89
N ILE D 17 7.53 -13.07 -1.16
CA ILE D 17 6.40 -13.91 -1.53
C ILE D 17 6.67 -14.57 -2.88
N SER D 18 7.26 -13.80 -3.79
CA SER D 18 7.58 -14.28 -5.14
C SER D 18 8.59 -15.42 -5.12
N ARG D 19 9.55 -15.37 -4.22
CA ARG D 19 10.60 -16.39 -4.16
C ARG D 19 10.21 -17.60 -3.29
N TYR D 20 9.57 -17.35 -2.16
CA TYR D 20 9.35 -18.41 -1.15
C TYR D 20 7.92 -18.94 -1.02
N GLY D 21 6.94 -18.15 -1.46
CA GLY D 21 5.53 -18.55 -1.47
C GLY D 21 4.61 -17.63 -0.67
N GLY D 22 3.32 -17.68 -1.01
CA GLY D 22 2.28 -16.85 -0.37
C GLY D 22 1.39 -16.20 -1.39
N LEU D 23 0.36 -15.48 -0.94
CA LEU D 23 -0.58 -14.80 -1.84
C LEU D 23 -0.06 -13.42 -2.26
N PRO D 24 0.22 -13.24 -3.57
CA PRO D 24 1.02 -12.08 -4.02
C PRO D 24 0.39 -10.69 -3.85
N GLY D 25 -0.55 -10.31 -4.72
CA GLY D 25 -0.89 -8.90 -4.92
C GLY D 25 -1.54 -8.10 -3.80
N SER D 27 -0.35 -6.69 0.19
CA SER D 27 0.63 -5.68 0.65
C SER D 27 0.03 -4.27 0.74
N ASP D 28 -0.26 -3.83 1.97
CA ASP D 28 -0.91 -2.54 2.20
C ASP D 28 0.14 -1.45 2.49
N PRO D 29 0.31 -0.48 1.57
CA PRO D 29 1.25 0.61 1.82
C PRO D 29 1.07 1.33 3.16
N GLY D 30 -0.19 1.53 3.54
CA GLY D 30 -0.51 2.21 4.81
C GLY D 30 0.02 1.48 6.02
N ARG D 31 0.14 0.16 5.93
CA ARG D 31 0.73 -0.65 6.99
C ARG D 31 2.25 -0.55 6.99
N ALA D 32 2.84 -0.53 5.80
CA ALA D 32 4.29 -0.32 5.65
C ALA D 32 4.64 0.99 6.33
N GLU D 33 3.98 2.07 5.90
CA GLU D 33 4.15 3.38 6.51
C GLU D 33 3.97 3.37 8.04
N ALA D 34 3.02 2.58 8.53
CA ALA D 34 2.71 2.55 9.96
C ALA D 34 3.82 1.85 10.75
N ILE D 35 4.32 0.75 10.18
CA ILE D 35 5.45 -0.01 10.74
C ILE D 35 6.73 0.81 10.79
N ILE D 36 7.06 1.47 9.68
CA ILE D 36 8.27 2.30 9.64
C ILE D 36 8.13 3.48 10.59
N GLY D 37 6.97 4.10 10.57
CA GLY D 37 6.62 5.08 11.59
C GLY D 37 6.89 4.58 13.01
N ARG D 38 6.42 3.39 13.35
CA ARG D 38 6.60 2.87 14.70
C ARG D 38 8.09 2.77 15.03
N VAL D 39 8.86 2.21 14.10
CA VAL D 39 10.29 2.03 14.29
C VAL D 39 10.95 3.39 14.44
N GLN D 40 10.65 4.29 13.51
CA GLN D 40 11.20 5.64 13.54
C GLN D 40 10.83 6.37 14.85
N ALA D 41 9.62 6.13 15.35
CA ALA D 41 9.12 6.80 16.55
C ALA D 41 9.75 6.28 17.84
N ARG D 42 10.07 4.98 17.86
CA ARG D 42 10.72 4.39 19.01
C ARG D 42 12.15 4.91 19.15
N VAL D 43 12.81 5.09 18.01
CA VAL D 43 14.18 5.57 17.95
C VAL D 43 14.28 6.99 18.49
N ALA D 44 13.43 7.87 17.99
CA ALA D 44 13.40 9.25 18.48
C ALA D 44 13.04 9.29 19.97
N TYR D 45 12.08 8.48 20.39
CA TYR D 45 11.50 8.61 21.72
C TYR D 45 12.47 8.10 22.77
N GLU D 46 13.02 6.92 22.54
CA GLU D 46 13.97 6.32 23.49
C GLU D 46 15.43 6.66 23.17
N GLU D 47 15.63 7.58 22.22
CA GLU D 47 16.95 8.03 21.79
C GLU D 47 17.88 6.82 21.65
N ILE D 48 17.42 5.87 20.84
CA ILE D 48 18.12 4.61 20.63
C ILE D 48 19.28 4.82 19.66
N THR D 49 20.46 4.37 20.08
CA THR D 49 21.67 4.39 19.25
C THR D 49 22.16 2.98 18.89
N ASP D 50 21.88 2.01 19.76
CA ASP D 50 22.34 0.64 19.58
C ASP D 50 21.63 -0.02 18.40
N LEU D 51 22.43 -0.52 17.45
CA LEU D 51 21.89 -1.05 16.19
C LEU D 51 21.04 -2.30 16.38
N PHE D 52 21.32 -3.10 17.41
CA PHE D 52 20.55 -4.34 17.60
C PHE D 52 19.17 -4.05 18.17
N GLU D 53 19.08 -3.03 19.02
CA GLU D 53 17.79 -2.54 19.50
C GLU D 53 16.94 -2.06 18.33
N VAL D 54 17.54 -1.26 17.44
CA VAL D 54 16.81 -0.80 16.27
C VAL D 54 16.44 -1.97 15.37
N SER D 55 17.35 -2.91 15.20
CA SER D 55 17.08 -4.06 14.35
C SER D 55 15.91 -4.86 14.92
N ALA D 56 15.97 -5.11 16.22
CA ALA D 56 14.92 -5.83 16.93
C ALA D 56 13.58 -5.13 16.78
N THR D 57 13.61 -3.80 16.75
CA THR D 57 12.40 -3.00 16.57
C THR D 57 11.81 -3.16 15.18
N TYR D 58 12.62 -3.32 14.15
CA TYR D 58 12.10 -3.57 12.82
C TYR D 58 11.40 -4.93 12.82
N LEU D 59 12.01 -5.88 13.51
CA LEU D 59 11.55 -7.25 13.52
C LEU D 59 10.18 -7.39 14.19
N VAL D 60 10.02 -6.79 15.36
CA VAL D 60 8.75 -6.90 16.09
C VAL D 60 7.66 -6.06 15.40
N ALA D 61 7.95 -4.81 15.10
CA ALA D 61 6.97 -3.96 14.41
C ALA D 61 6.43 -4.64 13.16
N THR D 62 7.32 -5.19 12.34
CA THR D 62 6.93 -5.89 11.11
C THR D 62 6.23 -7.22 11.41
N ALA D 63 6.80 -8.03 12.29
CA ALA D 63 6.21 -9.34 12.58
C ALA D 63 4.72 -9.17 12.93
N ARG D 64 4.42 -8.17 13.76
CA ARG D 64 3.04 -7.92 14.24
C ARG D 64 2.35 -6.77 13.47
N GLY D 65 2.90 -6.43 12.31
CA GLY D 65 2.44 -5.28 11.53
C GLY D 65 1.37 -5.57 10.50
N HIS D 66 1.22 -6.84 10.11
CA HIS D 66 0.19 -7.27 9.15
CA HIS D 66 0.20 -7.27 9.15
C HIS D 66 0.20 -6.46 7.84
N ILE D 67 1.36 -6.41 7.17
CA ILE D 67 1.47 -5.78 5.84
C ILE D 67 0.55 -6.49 4.84
N SER D 68 0.42 -7.80 5.02
CA SER D 68 -0.53 -8.64 4.29
C SER D 68 -0.81 -9.85 5.16
N ASN D 69 -1.60 -10.79 4.66
CA ASN D 69 -2.00 -11.93 5.49
C ASN D 69 -0.96 -13.03 5.61
N ASP D 70 0.15 -12.93 4.89
CA ASP D 70 1.20 -13.95 5.00
C ASP D 70 2.60 -13.44 4.72
N ALA D 71 3.58 -14.28 5.07
CA ALA D 71 5.01 -13.99 4.91
C ALA D 71 5.46 -12.82 5.77
N ASN D 72 4.72 -12.58 6.85
CA ASN D 72 5.02 -11.47 7.73
C ASN D 72 6.24 -11.75 8.60
N LYS D 73 6.30 -12.96 9.14
CA LYS D 73 7.47 -13.40 9.90
C LYS D 73 8.76 -13.33 9.08
N ARG D 74 8.64 -13.67 7.79
CA ARG D 74 9.79 -13.59 6.88
C ARG D 74 10.21 -12.16 6.61
N THR D 75 9.27 -11.31 6.20
CA THR D 75 9.59 -9.91 5.99
C THR D 75 10.22 -9.30 7.24
N ALA D 76 9.77 -9.77 8.40
CA ALA D 76 10.23 -9.25 9.68
C ALA D 76 11.72 -9.55 9.86
N LEU D 77 12.06 -10.82 9.72
CA LEU D 77 13.42 -11.29 9.93
C LEU D 77 14.37 -10.70 8.88
N ASN D 78 13.95 -10.77 7.62
CA ASN D 78 14.76 -10.25 6.54
C ASN D 78 14.95 -8.73 6.66
N SER D 79 13.92 -8.00 7.08
CA SER D 79 14.10 -6.55 7.27
C SER D 79 15.03 -6.29 8.44
N ALA D 80 14.89 -7.05 9.53
CA ALA D 80 15.77 -6.86 10.69
C ALA D 80 17.26 -7.03 10.32
N LEU D 81 17.60 -8.17 9.74
CA LEU D 81 18.98 -8.43 9.33
C LEU D 81 19.45 -7.60 8.12
N LEU D 82 18.53 -7.07 7.33
CA LEU D 82 18.89 -6.20 6.21
C LEU D 82 19.43 -4.87 6.74
N PHE D 83 18.70 -4.30 7.69
CA PHE D 83 19.12 -3.09 8.39
C PHE D 83 20.54 -3.21 8.94
N LEU D 84 20.81 -4.33 9.60
CA LEU D 84 22.13 -4.58 10.17
C LEU D 84 23.19 -4.55 9.09
N ARG D 85 22.88 -5.16 7.95
CA ARG D 85 23.84 -5.25 6.86
C ARG D 85 24.10 -3.88 6.25
N ARG D 86 23.05 -3.06 6.16
CA ARG D 86 23.20 -1.69 5.65
C ARG D 86 24.04 -0.80 6.54
N ASN D 87 24.11 -1.14 7.83
CA ASN D 87 24.87 -0.36 8.81
C ASN D 87 26.18 -1.04 9.23
N GLY D 88 26.64 -1.98 8.40
CA GLY D 88 27.99 -2.51 8.48
C GLY D 88 28.18 -3.69 9.39
N VAL D 89 27.09 -4.36 9.75
CA VAL D 89 27.20 -5.55 10.61
C VAL D 89 27.01 -6.81 9.76
N GLN D 90 28.05 -7.61 9.72
CA GLN D 90 28.03 -8.89 9.01
C GLN D 90 26.98 -9.81 9.61
N VAL D 91 26.08 -10.31 8.75
CA VAL D 91 24.98 -11.19 9.17
C VAL D 91 25.07 -12.54 8.48
N PHE D 92 24.43 -13.54 9.08
CA PHE D 92 24.41 -14.91 8.55
C PHE D 92 23.27 -15.68 9.21
N ASP D 93 22.93 -16.83 8.62
CA ASP D 93 21.80 -17.61 9.10
C ASP D 93 22.22 -18.40 10.33
N SER D 94 21.25 -18.72 11.20
CA SER D 94 21.52 -19.47 12.41
C SER D 94 20.34 -20.38 12.74
N PRO D 95 20.60 -21.52 13.43
CA PRO D 95 19.53 -22.50 13.68
C PRO D 95 18.45 -22.05 14.67
N GLU D 96 18.50 -20.81 15.16
CA GLU D 96 17.56 -20.32 16.17
C GLU D 96 16.75 -19.07 15.76
N LEU D 97 16.99 -18.56 14.55
CA LEU D 97 16.29 -17.38 14.05
C LEU D 97 14.81 -17.65 13.80
N ALA D 98 14.49 -18.88 13.42
CA ALA D 98 13.11 -19.28 13.16
C ALA D 98 12.31 -19.16 14.46
N ASP D 99 12.79 -19.83 15.50
CA ASP D 99 12.19 -19.76 16.85
C ASP D 99 12.11 -18.33 17.37
N LEU D 100 13.18 -17.55 17.12
CA LEU D 100 13.21 -16.13 17.51
C LEU D 100 12.09 -15.34 16.83
N THR D 101 11.90 -15.56 15.53
CA THR D 101 10.95 -14.77 14.76
C THR D 101 9.50 -15.09 15.15
N VAL D 102 9.23 -16.37 15.40
CA VAL D 102 7.89 -16.80 15.78
C VAL D 102 7.52 -16.30 17.18
N GLY D 103 8.46 -16.37 18.11
CA GLY D 103 8.23 -15.86 19.47
C GLY D 103 7.94 -14.38 19.48
N ALA D 104 8.72 -13.64 18.71
CA ALA D 104 8.54 -12.21 18.53
C ALA D 104 7.15 -11.91 17.97
N ALA D 105 6.78 -12.62 16.91
CA ALA D 105 5.47 -12.45 16.27
C ALA D 105 4.28 -12.69 17.20
N THR D 106 4.44 -13.61 18.15
CA THR D 106 3.36 -14.00 19.06
C THR D 106 3.39 -13.21 20.37
N GLY D 107 4.40 -12.37 20.54
CA GLY D 107 4.50 -11.52 21.72
C GLY D 107 5.17 -12.18 22.92
N GLU D 108 5.61 -13.43 22.76
CA GLU D 108 6.29 -14.13 23.84
C GLU D 108 7.72 -13.59 24.03
N ILE D 109 8.31 -13.02 22.98
CA ILE D 109 9.64 -12.41 23.07
C ILE D 109 9.56 -10.89 22.83
N SER D 110 9.98 -10.13 23.82
CA SER D 110 9.89 -8.68 23.75
C SER D 110 11.04 -8.15 22.90
N VAL D 111 10.86 -6.93 22.40
CA VAL D 111 11.85 -6.23 21.59
C VAL D 111 13.26 -6.31 22.16
N SER D 112 13.40 -5.98 23.45
CA SER D 112 14.74 -5.97 24.06
C SER D 112 15.36 -7.37 24.13
N SER D 113 14.53 -8.39 24.37
CA SER D 113 14.97 -9.78 24.41
C SER D 113 15.40 -10.26 23.02
N VAL D 114 14.67 -9.81 21.98
CA VAL D 114 15.07 -10.06 20.61
C VAL D 114 16.42 -9.41 20.35
N ALA D 115 16.58 -8.17 20.79
CA ALA D 115 17.85 -7.46 20.64
C ALA D 115 19.01 -8.23 21.30
N ASP D 116 18.76 -8.79 22.48
CA ASP D 116 19.78 -9.58 23.20
C ASP D 116 20.28 -10.77 22.38
N THR D 117 19.34 -11.46 21.72
CA THR D 117 19.68 -12.56 20.84
C THR D 117 20.45 -12.08 19.61
N LEU D 118 19.93 -11.04 18.94
CA LEU D 118 20.60 -10.47 17.76
C LEU D 118 22.03 -9.99 18.09
N ARG D 119 22.20 -9.42 19.27
CA ARG D 119 23.49 -8.91 19.72
C ARG D 119 24.48 -10.05 19.98
N ARG D 120 23.99 -11.11 20.59
CA ARG D 120 24.82 -12.26 20.89
C ARG D 120 25.33 -12.94 19.61
N LEU D 121 24.46 -13.03 18.60
CA LEU D 121 24.79 -13.70 17.35
C LEU D 121 25.72 -12.88 16.45
N TYR D 122 25.48 -11.58 16.37
CA TYR D 122 26.18 -10.72 15.40
C TYR D 122 27.02 -9.59 16.00
N GLY D 123 26.95 -9.39 17.31
CA GLY D 123 27.68 -8.32 17.99
C GLY D 123 29.19 -8.43 17.85
N GLN E 2 -19.11 -30.99 -10.60
CA GLN E 2 -18.94 -29.80 -11.48
C GLN E 2 -18.03 -30.09 -12.65
N SER E 3 -16.92 -30.78 -12.40
CA SER E 3 -15.94 -31.09 -13.46
C SER E 3 -15.86 -32.60 -13.69
N ILE E 4 -16.02 -33.01 -14.94
CA ILE E 4 -15.97 -34.43 -15.33
C ILE E 4 -15.31 -34.59 -16.70
N ASN E 5 -14.78 -35.78 -16.95
CA ASN E 5 -14.18 -36.12 -18.25
C ASN E 5 -15.28 -36.59 -19.21
N PHE E 6 -15.05 -36.41 -20.51
CA PHE E 6 -16.08 -36.67 -21.53
C PHE E 6 -16.54 -38.13 -21.60
N ARG E 7 -15.79 -39.04 -20.98
CA ARG E 7 -16.17 -40.46 -20.90
C ARG E 7 -17.25 -40.69 -19.84
N THR E 8 -17.05 -40.14 -18.65
CA THR E 8 -18.06 -40.24 -17.58
C THR E 8 -19.38 -39.56 -17.98
N ALA E 9 -19.28 -38.57 -18.86
CA ALA E 9 -20.45 -37.93 -19.45
C ALA E 9 -21.19 -38.89 -20.39
N ARG E 10 -20.44 -39.51 -21.29
CA ARG E 10 -21.01 -40.46 -22.28
C ARG E 10 -21.90 -41.53 -21.64
N GLY E 11 -21.40 -42.16 -20.59
CA GLY E 11 -22.13 -43.22 -19.90
C GLY E 11 -23.26 -42.72 -19.03
N ASN E 12 -23.09 -41.54 -18.47
CA ASN E 12 -24.06 -40.98 -17.51
C ASN E 12 -24.68 -39.68 -17.99
N LEU E 13 -25.03 -39.61 -19.27
CA LEU E 13 -25.59 -38.40 -19.86
C LEU E 13 -26.94 -38.05 -19.24
N SER E 14 -27.78 -39.05 -19.01
CA SER E 14 -29.12 -38.83 -18.43
C SER E 14 -29.06 -38.30 -17.00
N GLU E 15 -28.00 -38.65 -16.27
CA GLU E 15 -27.75 -38.10 -14.94
C GLU E 15 -27.39 -36.60 -15.03
N VAL E 16 -26.49 -36.29 -15.96
CA VAL E 16 -26.05 -34.91 -16.20
C VAL E 16 -27.22 -33.98 -16.50
N ASN E 18 -30.52 -34.27 -15.49
CA ASN E 18 -31.28 -34.01 -14.27
C ASN E 18 -30.51 -33.10 -13.31
N ASN E 19 -29.19 -33.25 -13.27
CA ASN E 19 -28.32 -32.35 -12.51
C ASN E 19 -28.41 -30.92 -13.08
N VAL E 20 -28.19 -30.81 -14.38
CA VAL E 20 -28.27 -29.53 -15.09
C VAL E 20 -29.60 -28.83 -14.86
N GLU E 21 -30.70 -29.57 -15.00
CA GLU E 21 -32.04 -29.01 -14.83
C GLU E 21 -32.33 -28.60 -13.38
N ALA E 22 -31.74 -29.33 -12.43
CA ALA E 22 -31.90 -29.01 -11.01
C ALA E 22 -31.33 -27.65 -10.65
N GLY E 23 -30.26 -27.25 -11.34
CA GLY E 23 -29.58 -25.97 -11.09
C GLY E 23 -28.07 -25.97 -11.26
N GLU E 24 -27.48 -27.15 -11.48
CA GLU E 24 -26.03 -27.27 -11.62
C GLU E 24 -25.52 -26.78 -12.98
N GLU E 25 -24.25 -26.40 -13.00
CA GLU E 25 -23.56 -25.98 -14.21
C GLU E 25 -22.30 -26.83 -14.33
N VAL E 26 -22.37 -27.84 -15.21
CA VAL E 26 -21.32 -28.85 -15.32
C VAL E 26 -20.27 -28.52 -16.38
N GLU E 27 -19.01 -28.54 -15.98
CA GLU E 27 -17.87 -28.41 -16.90
C GLU E 27 -17.57 -29.78 -17.51
N ILE E 28 -17.08 -29.77 -18.75
CA ILE E 28 -16.65 -31.00 -19.42
C ILE E 28 -15.24 -30.83 -19.96
N THR E 29 -14.30 -31.51 -19.32
CA THR E 29 -12.88 -31.39 -19.64
C THR E 29 -12.42 -32.47 -20.60
N ARG E 30 -11.38 -32.15 -21.35
CA ARG E 30 -10.66 -33.12 -22.17
C ARG E 30 -9.17 -32.90 -22.00
N ARG E 31 -8.42 -33.97 -21.81
CA ARG E 31 -6.98 -33.86 -21.60
C ARG E 31 -6.29 -33.35 -22.86
N GLY E 32 -5.58 -32.24 -22.73
CA GLY E 32 -4.89 -31.62 -23.86
C GLY E 32 -5.70 -30.54 -24.56
N ARG E 33 -7.01 -30.52 -24.34
CA ARG E 33 -7.93 -29.56 -24.97
C ARG E 33 -8.55 -28.62 -23.94
N GLU E 34 -9.20 -27.56 -24.43
CA GLU E 34 -9.89 -26.60 -23.56
C GLU E 34 -11.34 -27.02 -23.33
N PRO E 35 -11.85 -26.83 -22.09
CA PRO E 35 -13.13 -27.41 -21.69
C PRO E 35 -14.39 -26.67 -22.17
N ALA E 36 -15.54 -27.33 -21.98
CA ALA E 36 -16.85 -26.78 -22.28
C ALA E 36 -17.70 -26.78 -21.01
N VAL E 37 -18.91 -26.24 -21.10
CA VAL E 37 -19.83 -26.22 -19.97
C VAL E 37 -21.26 -26.52 -20.42
N ILE E 38 -21.90 -27.49 -19.78
CA ILE E 38 -23.32 -27.76 -19.98
C ILE E 38 -24.12 -27.03 -18.91
N ALA E 39 -25.22 -26.41 -19.33
CA ALA E 39 -26.12 -25.70 -18.42
C ALA E 39 -27.52 -25.67 -19.01
N SER E 40 -28.52 -25.38 -18.17
CA SER E 40 -29.90 -25.31 -18.63
C SER E 40 -30.05 -24.17 -19.65
N LYS E 41 -30.89 -24.38 -20.65
CA LYS E 41 -31.14 -23.36 -21.67
C LYS E 41 -31.70 -22.08 -21.04
N ALA E 42 -32.49 -22.24 -19.98
CA ALA E 42 -33.09 -21.10 -19.29
C ALA E 42 -32.02 -20.16 -18.71
N THR E 43 -31.05 -20.73 -18.00
CA THR E 43 -30.00 -19.94 -17.36
C THR E 43 -28.96 -19.46 -18.39
N PHE E 44 -28.60 -20.32 -19.34
CA PHE E 44 -27.70 -19.92 -20.42
C PHE E 44 -28.24 -18.71 -21.18
N GLU E 45 -29.49 -18.78 -21.60
CA GLU E 45 -30.11 -17.69 -22.36
C GLU E 45 -30.18 -16.39 -21.57
N ALA E 46 -30.40 -16.49 -20.26
CA ALA E 46 -30.44 -15.33 -19.39
C ALA E 46 -29.06 -14.69 -19.28
N TYR E 47 -28.03 -15.51 -19.24
CA TYR E 47 -26.65 -15.02 -19.21
C TYR E 47 -26.29 -14.34 -20.50
N LYS E 48 -26.63 -14.99 -21.62
CA LYS E 48 -26.43 -14.43 -22.96
C LYS E 48 -27.10 -13.06 -23.12
N LYS E 49 -28.32 -12.95 -22.59
CA LYS E 49 -29.10 -11.73 -22.69
C LYS E 49 -28.45 -10.56 -21.92
N ALA E 50 -27.87 -10.87 -20.77
CA ALA E 50 -27.17 -9.88 -19.97
C ALA E 50 -25.91 -9.42 -20.70
N ALA E 51 -25.21 -10.36 -21.33
CA ALA E 51 -24.06 -10.05 -22.18
C ALA E 51 -24.48 -9.08 -23.28
N LEU E 52 -25.61 -9.37 -23.92
CA LEU E 52 -26.18 -8.54 -24.99
C LEU E 52 -26.59 -7.15 -24.52
N ASP E 53 -27.19 -7.05 -23.33
CA ASP E 53 -27.62 -5.76 -22.76
C ASP E 53 -26.43 -4.83 -22.62
N ALA E 54 -25.34 -5.36 -22.05
CA ALA E 54 -24.09 -4.64 -21.90
C ALA E 54 -23.50 -4.24 -23.26
N GLU E 55 -23.68 -5.09 -24.26
CA GLU E 55 -23.22 -4.84 -25.61
C GLU E 55 -23.94 -3.65 -26.23
N PHE E 56 -25.26 -3.56 -26.01
CA PHE E 56 -26.04 -2.42 -26.52
C PHE E 56 -25.74 -1.15 -25.74
N ALA E 57 -25.45 -1.29 -24.45
CA ALA E 57 -25.35 -0.13 -23.57
C ALA E 57 -24.13 0.71 -23.88
N SER E 58 -23.05 0.04 -24.30
CA SER E 58 -21.80 0.72 -24.63
C SER E 58 -21.82 1.28 -26.05
N LEU E 59 -22.56 0.63 -26.95
CA LEU E 59 -22.80 1.19 -28.29
C LEU E 59 -23.64 2.46 -28.18
N PHE E 60 -24.74 2.38 -27.42
CA PHE E 60 -25.56 3.55 -27.15
C PHE E 60 -24.73 4.67 -26.53
N ASP E 61 -23.85 4.32 -25.58
CA ASP E 61 -22.91 5.30 -24.99
C ASP E 61 -22.04 5.94 -26.09
N THR E 62 -21.44 5.11 -26.93
CA THR E 62 -20.59 5.61 -28.03
C THR E 62 -21.33 6.54 -28.99
N LEU E 63 -22.60 6.26 -29.24
CA LEU E 63 -23.41 7.01 -30.20
C LEU E 63 -24.52 7.78 -29.50
N ASP E 64 -24.28 8.22 -28.28
CA ASP E 64 -25.31 8.85 -27.46
C ASP E 64 -25.83 10.13 -28.10
N SER E 65 -24.96 10.86 -28.76
CA SER E 65 -25.28 12.19 -29.26
C SER E 65 -26.19 12.16 -30.48
N THR E 66 -25.85 11.31 -31.44
CA THR E 66 -26.66 11.14 -32.65
C THR E 66 -27.97 10.44 -32.33
N ASN E 67 -27.96 9.54 -31.35
CA ASN E 67 -29.20 8.87 -30.95
C ASN E 67 -30.24 9.85 -30.42
N LYS E 68 -29.80 10.75 -29.54
CA LYS E 68 -30.68 11.80 -29.04
C LYS E 68 -31.17 12.72 -30.14
N GLU E 69 -30.31 13.03 -31.11
CA GLU E 69 -30.66 13.93 -32.21
C GLU E 69 -31.69 13.32 -33.15
N LEU E 70 -31.60 12.01 -33.38
CA LEU E 70 -32.52 11.31 -34.28
C LEU E 70 -33.95 11.24 -33.76
N VAL E 71 -34.11 11.30 -32.44
CA VAL E 71 -35.44 11.26 -31.82
C VAL E 71 -36.33 12.42 -32.32
N ASN E 72 -35.72 13.58 -32.50
CA ASN E 72 -36.43 14.80 -32.89
C ASN E 72 -36.61 15.00 -34.39
N ARG E 73 -36.12 14.07 -35.19
CA ARG E 73 -36.25 14.14 -36.65
C ARG E 73 -37.28 13.13 -37.14
N GLN F 2 -26.22 -26.63 -33.85
CA GLN F 2 -27.15 -25.70 -33.14
C GLN F 2 -28.18 -26.45 -32.30
N SER F 3 -28.72 -27.55 -32.84
CA SER F 3 -29.64 -28.41 -32.10
C SER F 3 -29.47 -29.87 -32.48
N ILE F 4 -29.14 -30.70 -31.49
CA ILE F 4 -28.98 -32.13 -31.69
C ILE F 4 -29.69 -32.89 -30.58
N ASN F 5 -30.04 -34.14 -30.87
CA ASN F 5 -30.75 -34.98 -29.91
C ASN F 5 -29.79 -35.71 -28.95
N PHE F 6 -30.21 -35.79 -27.70
CA PHE F 6 -29.75 -36.76 -26.72
C PHE F 6 -28.80 -37.85 -27.27
N ARG F 7 -29.31 -38.65 -28.21
CA ARG F 7 -28.56 -39.80 -28.76
C ARG F 7 -27.38 -39.38 -29.63
N THR F 8 -27.63 -38.46 -30.56
CA THR F 8 -26.60 -37.97 -31.48
C THR F 8 -25.39 -37.42 -30.74
N ALA F 9 -25.65 -36.75 -29.61
CA ALA F 9 -24.60 -36.23 -28.74
C ALA F 9 -23.77 -37.38 -28.16
N ARG F 10 -24.45 -38.36 -27.58
CA ARG F 10 -23.81 -39.52 -26.97
C ARG F 10 -22.80 -40.16 -27.93
N GLY F 11 -23.20 -40.33 -29.19
CA GLY F 11 -22.38 -40.99 -30.20
C GLY F 11 -21.33 -40.11 -30.86
N ASN F 12 -21.59 -38.81 -30.93
CA ASN F 12 -20.68 -37.86 -31.56
C ASN F 12 -20.24 -36.76 -30.62
N LEU F 13 -20.00 -37.11 -29.36
CA LEU F 13 -19.68 -36.11 -28.34
C LEU F 13 -18.37 -35.41 -28.67
N SER F 14 -17.36 -36.19 -29.04
CA SER F 14 -16.05 -35.65 -29.39
C SER F 14 -16.11 -34.64 -30.54
N GLU F 15 -17.09 -34.80 -31.43
CA GLU F 15 -17.34 -33.83 -32.51
C GLU F 15 -18.00 -32.57 -31.97
N VAL F 16 -18.96 -32.75 -31.07
CA VAL F 16 -19.64 -31.63 -30.42
C VAL F 16 -18.65 -30.73 -29.68
N ASN F 18 -15.44 -30.12 -30.60
CA ASN F 18 -14.68 -29.35 -31.59
C ASN F 18 -15.52 -28.23 -32.21
N ASN F 19 -16.81 -28.46 -32.39
CA ASN F 19 -17.74 -27.43 -32.83
C ASN F 19 -17.82 -26.32 -31.77
N VAL F 20 -18.07 -26.74 -30.53
CA VAL F 20 -18.15 -25.82 -29.40
C VAL F 20 -16.86 -25.01 -29.25
N GLU F 21 -15.72 -25.71 -29.29
CA GLU F 21 -14.40 -25.07 -29.23
C GLU F 21 -14.18 -24.10 -30.40
N ALA F 22 -14.72 -24.45 -31.56
CA ALA F 22 -14.63 -23.60 -32.74
C ALA F 22 -15.45 -22.30 -32.60
N GLY F 23 -16.47 -22.34 -31.74
CA GLY F 23 -17.29 -21.14 -31.47
C GLY F 23 -18.80 -21.34 -31.50
N GLU F 24 -19.26 -22.58 -31.68
CA GLU F 24 -20.70 -22.88 -31.73
C GLU F 24 -21.29 -23.09 -30.34
N GLU F 25 -22.60 -22.92 -30.25
CA GLU F 25 -23.35 -23.08 -29.00
C GLU F 25 -24.48 -24.08 -29.25
N VAL F 26 -24.22 -25.35 -28.96
CA VAL F 26 -25.12 -26.42 -29.35
C VAL F 26 -26.19 -26.70 -28.31
N GLU F 27 -27.45 -26.76 -28.75
CA GLU F 27 -28.57 -27.16 -27.89
C GLU F 27 -28.70 -28.68 -27.84
N ILE F 28 -29.11 -29.19 -26.68
CA ILE F 28 -29.36 -30.63 -26.50
C ILE F 28 -30.82 -30.87 -26.09
N THR F 29 -31.64 -31.24 -27.07
CA THR F 29 -33.07 -31.51 -26.84
C THR F 29 -33.28 -32.89 -26.24
N ARG F 30 -34.39 -33.04 -25.54
CA ARG F 30 -34.70 -34.25 -24.78
C ARG F 30 -36.22 -34.45 -24.78
N ARG F 31 -36.66 -35.69 -25.00
CA ARG F 31 -38.09 -35.98 -25.16
C ARG F 31 -38.93 -35.62 -23.93
N GLY F 32 -38.38 -35.86 -22.74
CA GLY F 32 -39.08 -35.53 -21.49
C GLY F 32 -39.14 -34.06 -21.15
N ARG F 33 -38.15 -33.59 -20.38
CA ARG F 33 -38.17 -32.25 -19.77
C ARG F 33 -37.49 -31.17 -20.63
N GLU F 34 -37.29 -29.98 -20.04
CA GLU F 34 -36.61 -28.84 -20.71
C GLU F 34 -35.17 -29.19 -21.17
N PRO F 35 -34.70 -28.51 -22.23
CA PRO F 35 -33.40 -28.86 -22.80
C PRO F 35 -32.21 -28.21 -22.09
N ALA F 36 -31.02 -28.53 -22.57
CA ALA F 36 -29.78 -27.97 -22.06
C ALA F 36 -28.98 -27.38 -23.22
N VAL F 37 -27.90 -26.67 -22.88
CA VAL F 37 -27.03 -26.07 -23.87
C VAL F 37 -25.57 -26.34 -23.52
N ILE F 38 -24.75 -26.63 -24.52
CA ILE F 38 -23.32 -26.77 -24.36
C ILE F 38 -22.62 -25.58 -25.00
N ALA F 39 -21.68 -24.98 -24.27
CA ALA F 39 -20.84 -23.90 -24.81
C ALA F 39 -19.43 -24.02 -24.25
N SER F 40 -18.49 -23.29 -24.85
CA SER F 40 -17.13 -23.28 -24.36
C SER F 40 -17.10 -22.59 -23.00
N LYS F 41 -16.13 -22.93 -22.17
CA LYS F 41 -16.05 -22.36 -20.82
C LYS F 41 -15.82 -20.86 -20.87
N ALA F 42 -14.95 -20.41 -21.78
CA ALA F 42 -14.60 -19.00 -21.91
C ALA F 42 -15.82 -18.11 -22.16
N THR F 43 -16.66 -18.52 -23.13
CA THR F 43 -17.85 -17.73 -23.48
C THR F 43 -18.89 -17.83 -22.39
N PHE F 44 -19.13 -19.05 -21.90
CA PHE F 44 -20.07 -19.24 -20.80
C PHE F 44 -19.72 -18.32 -19.65
N GLU F 45 -18.50 -18.43 -19.14
CA GLU F 45 -18.03 -17.62 -18.01
C GLU F 45 -18.08 -16.12 -18.30
N ALA F 46 -17.91 -15.73 -19.55
CA ALA F 46 -18.02 -14.33 -19.94
C ALA F 46 -19.48 -13.88 -19.85
N TYR F 47 -20.41 -14.75 -20.21
CA TYR F 47 -21.84 -14.45 -20.09
C TYR F 47 -22.28 -14.44 -18.62
N LYS F 48 -21.78 -15.39 -17.85
CA LYS F 48 -22.06 -15.45 -16.40
C LYS F 48 -21.62 -14.19 -15.66
N LYS F 49 -20.54 -13.56 -16.12
CA LYS F 49 -19.99 -12.37 -15.49
C LYS F 49 -20.77 -11.12 -15.85
N ALA F 50 -21.26 -11.07 -17.09
CA ALA F 50 -22.15 -10.02 -17.51
C ALA F 50 -23.39 -10.01 -16.64
N ALA F 51 -23.94 -11.20 -16.38
CA ALA F 51 -25.18 -11.34 -15.60
C ALA F 51 -24.97 -10.91 -14.15
N LEU F 52 -23.91 -11.44 -13.54
CA LEU F 52 -23.52 -11.06 -12.19
C LEU F 52 -23.25 -9.56 -12.06
N ASP F 53 -22.52 -8.99 -13.02
CA ASP F 53 -22.26 -7.55 -13.04
C ASP F 53 -23.56 -6.76 -13.07
N ALA F 54 -24.54 -7.25 -13.83
CA ALA F 54 -25.82 -6.55 -13.98
C ALA F 54 -26.60 -6.61 -12.68
N GLU F 55 -26.52 -7.78 -12.05
CA GLU F 55 -27.16 -8.06 -10.77
C GLU F 55 -26.67 -7.07 -9.71
N PHE F 56 -25.36 -6.87 -9.67
CA PHE F 56 -24.75 -5.93 -8.72
C PHE F 56 -25.16 -4.49 -8.99
N ALA F 57 -25.27 -4.15 -10.27
CA ALA F 57 -25.70 -2.82 -10.67
C ALA F 57 -27.09 -2.48 -10.10
N SER F 58 -28.03 -3.42 -10.19
CA SER F 58 -29.39 -3.18 -9.68
C SER F 58 -29.40 -3.09 -8.16
N LEU F 59 -28.69 -4.00 -7.51
CA LEU F 59 -28.59 -3.97 -6.06
C LEU F 59 -28.07 -2.60 -5.61
N PHE F 60 -26.98 -2.15 -6.24
CA PHE F 60 -26.36 -0.86 -5.92
C PHE F 60 -27.26 0.33 -6.24
N ASP F 61 -27.99 0.27 -7.35
CA ASP F 61 -28.99 1.30 -7.68
C ASP F 61 -30.08 1.39 -6.61
N THR F 62 -30.60 0.23 -6.22
CA THR F 62 -31.63 0.14 -5.20
C THR F 62 -31.13 0.70 -3.86
N LEU F 63 -29.87 0.42 -3.52
CA LEU F 63 -29.29 0.83 -2.24
C LEU F 63 -28.28 1.99 -2.36
N ASP F 64 -28.50 2.88 -3.33
CA ASP F 64 -27.53 3.92 -3.69
C ASP F 64 -27.25 4.94 -2.57
N SER F 65 -28.31 5.39 -1.90
CA SER F 65 -28.20 6.38 -0.81
C SER F 65 -27.36 5.86 0.35
N THR F 66 -27.75 4.70 0.87
CA THR F 66 -27.09 4.11 2.02
C THR F 66 -25.66 3.68 1.69
N ASN F 67 -25.44 3.23 0.45
CA ASN F 67 -24.09 2.92 -0.01
C ASN F 67 -23.22 4.17 0.02
N LYS F 68 -23.71 5.29 -0.51
CA LYS F 68 -22.98 6.57 -0.47
C LYS F 68 -22.69 7.01 0.95
N GLU F 69 -23.66 6.83 1.84
CA GLU F 69 -23.54 7.26 3.22
C GLU F 69 -22.48 6.45 3.98
N LEU F 70 -22.53 5.13 3.84
CA LEU F 70 -21.61 4.22 4.55
C LEU F 70 -20.14 4.49 4.25
N VAL F 71 -19.84 5.11 3.11
CA VAL F 71 -18.47 5.50 2.79
C VAL F 71 -17.88 6.41 3.87
N ASN F 72 -18.72 7.29 4.41
CA ASN F 72 -18.27 8.32 5.36
C ASN F 72 -18.55 8.01 6.84
N ARG F 73 -18.80 6.74 7.16
CA ARG F 73 -19.04 6.33 8.54
C ARG F 73 -17.83 5.61 9.13
N GLN G 2 48.70 40.78 58.53
CA GLN G 2 49.32 40.27 57.27
C GLN G 2 50.13 39.00 57.48
N SER G 3 50.59 38.77 58.70
CA SER G 3 51.30 37.54 59.03
C SER G 3 51.27 37.26 60.54
N ILE G 4 50.84 36.05 60.89
CA ILE G 4 50.78 35.61 62.29
C ILE G 4 51.10 34.13 62.41
N ASN G 5 51.59 33.72 63.58
CA ASN G 5 51.81 32.30 63.86
C ASN G 5 50.49 31.62 64.15
N PHE G 6 50.45 30.30 64.06
CA PHE G 6 49.19 29.55 64.19
C PHE G 6 48.65 29.50 65.63
N ARG G 7 49.48 29.83 66.61
CA ARG G 7 49.05 29.94 68.01
C ARG G 7 48.30 31.24 68.28
N THR G 8 48.85 32.36 67.78
CA THR G 8 48.19 33.66 67.89
C THR G 8 46.87 33.66 67.12
N ALA G 9 46.82 32.93 66.00
CA ALA G 9 45.59 32.73 65.24
C ALA G 9 44.58 31.88 66.02
N ARG G 10 45.07 30.86 66.72
CA ARG G 10 44.24 29.97 67.54
C ARG G 10 43.53 30.77 68.64
N GLY G 11 44.32 31.49 69.44
CA GLY G 11 43.80 32.26 70.57
C GLY G 11 42.93 33.44 70.19
N ASN G 12 43.16 33.99 68.99
CA ASN G 12 42.43 35.16 68.52
C ASN G 12 41.82 34.93 67.14
N LEU G 13 41.08 33.83 67.01
CA LEU G 13 40.42 33.48 65.74
C LEU G 13 39.25 34.41 65.44
N SER G 14 38.49 34.75 66.47
CA SER G 14 37.31 35.63 66.34
C SER G 14 37.70 37.05 65.91
N GLU G 15 38.87 37.51 66.35
CA GLU G 15 39.40 38.82 65.93
C GLU G 15 39.84 38.79 64.47
N VAL G 16 40.59 37.76 64.09
CA VAL G 16 41.06 37.57 62.72
C VAL G 16 39.90 37.58 61.72
N ASN G 18 37.04 39.31 61.94
CA ASN G 18 36.60 40.69 61.73
C ASN G 18 37.55 41.45 60.81
N ASN G 19 38.84 41.13 60.87
CA ASN G 19 39.82 41.67 59.92
C ASN G 19 39.53 41.17 58.50
N VAL G 20 39.28 39.88 58.38
CA VAL G 20 39.01 39.24 57.08
C VAL G 20 37.75 39.83 56.43
N GLU G 21 36.66 39.91 57.18
CA GLU G 21 35.43 40.53 56.68
C GLU G 21 35.62 42.03 56.44
N ALA G 22 36.51 42.65 57.22
CA ALA G 22 36.88 44.06 57.01
C ALA G 22 37.53 44.27 55.64
N GLY G 23 38.28 43.27 55.18
CA GLY G 23 38.94 43.31 53.87
C GLY G 23 40.40 42.87 53.83
N GLU G 24 40.91 42.39 54.96
CA GLU G 24 42.32 41.99 55.05
C GLU G 24 42.50 40.52 54.67
N GLU G 25 43.70 40.19 54.20
CA GLU G 25 44.04 38.84 53.78
C GLU G 25 45.21 38.34 54.64
N VAL G 26 44.89 37.59 55.69
CA VAL G 26 45.86 37.23 56.72
C VAL G 26 46.61 35.92 56.42
N GLU G 27 47.94 35.98 56.44
CA GLU G 27 48.77 34.79 56.30
C GLU G 27 48.82 34.05 57.64
N ILE G 28 49.06 32.74 57.59
CA ILE G 28 49.17 31.90 58.79
C ILE G 28 50.44 31.06 58.74
N THR G 29 51.47 31.52 59.47
CA THR G 29 52.79 30.89 59.45
C THR G 29 52.92 29.71 60.40
N ARG G 30 53.52 28.63 59.89
CA ARG G 30 53.80 27.43 60.67
C ARG G 30 55.28 27.10 60.49
N ARG G 31 56.10 27.57 61.44
CA ARG G 31 57.57 27.58 61.32
C ARG G 31 58.18 26.36 60.62
N GLY G 32 57.68 25.17 60.94
CA GLY G 32 58.20 23.92 60.37
C GLY G 32 58.15 23.80 58.85
N ARG G 33 57.08 24.32 58.24
CA ARG G 33 56.83 24.16 56.79
C ARG G 33 56.22 25.44 56.17
N GLU G 34 55.64 25.33 54.97
CA GLU G 34 55.07 26.49 54.26
C GLU G 34 53.72 26.95 54.85
N PRO G 35 53.30 28.20 54.54
CA PRO G 35 52.16 28.81 55.22
C PRO G 35 50.86 28.78 54.43
N ALA G 36 49.79 29.23 55.09
CA ALA G 36 48.46 29.32 54.50
C ALA G 36 47.99 30.77 54.51
N VAL G 37 46.81 31.01 53.91
CA VAL G 37 46.20 32.34 53.89
C VAL G 37 44.70 32.22 54.15
N ILE G 38 44.18 33.09 55.01
CA ILE G 38 42.73 33.21 55.20
C ILE G 38 42.25 34.46 54.51
N ALA G 39 41.09 34.38 53.85
CA ALA G 39 40.47 35.55 53.24
C ALA G 39 38.96 35.37 53.18
N SER G 40 38.25 36.44 52.85
CA SER G 40 36.80 36.40 52.72
C SER G 40 36.43 35.54 51.52
N LYS G 41 35.30 34.84 51.62
CA LYS G 41 34.84 33.97 50.54
C LYS G 41 34.54 34.80 49.28
N ALA G 42 33.91 35.95 49.47
CA ALA G 42 33.60 36.88 48.37
C ALA G 42 34.81 37.15 47.49
N THR G 43 35.93 37.52 48.11
CA THR G 43 37.16 37.82 47.38
C THR G 43 37.81 36.53 46.86
N PHE G 44 37.90 35.51 47.71
CA PHE G 44 38.46 34.21 47.30
C PHE G 44 37.78 33.66 46.05
N GLU G 45 36.46 33.73 46.00
CA GLU G 45 35.70 33.23 44.86
C GLU G 45 35.95 34.06 43.60
N ALA G 46 36.11 35.37 43.79
CA ALA G 46 36.40 36.26 42.67
C ALA G 46 37.75 35.89 42.05
N TYR G 47 38.74 35.66 42.90
CA TYR G 47 40.07 35.30 42.47
C TYR G 47 40.07 33.94 41.77
N LYS G 48 39.44 32.97 42.43
CA LYS G 48 39.30 31.62 41.86
C LYS G 48 38.63 31.66 40.48
N LYS G 49 37.58 32.46 40.33
CA LYS G 49 36.84 32.59 39.09
C LYS G 49 37.74 33.09 37.97
N ALA G 50 38.48 34.15 38.23
CA ALA G 50 39.37 34.77 37.24
C ALA G 50 40.42 33.78 36.74
N ALA G 51 40.91 32.92 37.62
CA ALA G 51 41.85 31.87 37.23
C ALA G 51 41.15 30.92 36.26
N LEU G 52 39.91 30.57 36.59
CA LEU G 52 39.07 29.72 35.74
C LEU G 52 38.75 30.40 34.39
N ASP G 53 38.39 31.68 34.44
CA ASP G 53 38.18 32.45 33.21
C ASP G 53 39.42 32.37 32.30
N ALA G 54 40.58 32.66 32.88
CA ALA G 54 41.84 32.57 32.15
C ALA G 54 42.10 31.17 31.61
N GLU G 55 41.78 30.15 32.41
CA GLU G 55 41.96 28.77 31.96
C GLU G 55 41.15 28.50 30.70
N PHE G 56 39.88 28.95 30.70
CA PHE G 56 38.99 28.74 29.56
C PHE G 56 39.52 29.42 28.29
N ALA G 57 39.89 30.69 28.45
CA ALA G 57 40.32 31.53 27.33
C ALA G 57 41.43 30.87 26.51
N SER G 58 42.43 30.32 27.18
CA SER G 58 43.54 29.64 26.49
C SER G 58 43.10 28.30 25.88
N LEU G 59 42.20 27.60 26.56
CA LEU G 59 41.59 26.40 26.00
C LEU G 59 40.92 26.77 24.69
N PHE G 60 40.05 27.78 24.74
CA PHE G 60 39.34 28.22 23.55
C PHE G 60 40.30 28.63 22.43
N ASP G 61 41.30 29.46 22.75
CA ASP G 61 42.30 29.91 21.78
C ASP G 61 42.90 28.75 21.00
N THR G 62 43.33 27.73 21.74
CA THR G 62 43.91 26.53 21.14
C THR G 62 42.91 25.88 20.17
N LEU G 63 41.71 25.60 20.67
CA LEU G 63 40.67 24.93 19.90
C LEU G 63 39.70 25.94 19.26
N ASP G 64 40.22 27.07 18.80
CA ASP G 64 39.38 28.16 18.28
C ASP G 64 38.72 27.80 16.96
N SER G 65 39.46 27.08 16.10
CA SER G 65 38.95 26.73 14.79
C SER G 65 37.76 25.79 14.90
N THR G 66 37.96 24.65 15.56
CA THR G 66 36.91 23.65 15.74
C THR G 66 35.73 24.17 16.57
N ASN G 67 35.95 25.15 17.44
CA ASN G 67 34.83 25.78 18.16
C ASN G 67 33.93 26.59 17.22
N LYS G 68 34.54 27.46 16.41
CA LYS G 68 33.79 28.26 15.44
C LYS G 68 32.97 27.39 14.49
N GLU G 69 33.56 26.27 14.08
CA GLU G 69 32.93 25.34 13.13
C GLU G 69 31.71 24.65 13.72
N LEU G 70 31.84 24.15 14.95
CA LEU G 70 30.75 23.44 15.63
C LEU G 70 29.51 24.32 15.80
N VAL G 71 29.70 25.64 15.86
CA VAL G 71 28.58 26.57 15.99
C VAL G 71 27.62 26.45 14.79
N ASN G 72 28.15 26.20 13.60
CA ASN G 72 27.35 26.10 12.37
C ASN G 72 26.86 24.68 12.08
N ARG G 73 26.80 23.85 13.12
CA ARG G 73 26.26 22.50 13.04
C ARG G 73 25.35 22.27 14.27
N GLN H 2 26.98 15.95 -21.16
CA GLN H 2 27.45 14.92 -20.20
C GLN H 2 28.08 15.51 -18.95
N SER H 3 28.61 16.73 -19.05
CA SER H 3 29.16 17.43 -17.89
C SER H 3 29.07 18.96 -18.06
N ILE H 4 28.62 19.65 -17.02
CA ILE H 4 28.51 21.10 -17.03
C ILE H 4 28.65 21.68 -15.63
N ASN H 5 29.16 22.91 -15.56
CA ASN H 5 29.27 23.64 -14.30
C ASN H 5 27.91 24.16 -13.86
N PHE H 6 27.71 24.28 -12.55
CA PHE H 6 26.40 24.60 -11.98
C PHE H 6 25.80 25.94 -12.46
N ARG H 7 26.65 26.83 -12.96
CA ARG H 7 26.19 28.10 -13.55
C ARG H 7 25.51 27.89 -14.90
N THR H 8 26.08 27.05 -15.75
CA THR H 8 25.48 26.71 -17.05
C THR H 8 24.14 25.96 -16.87
N ALA H 9 24.01 25.23 -15.77
CA ALA H 9 22.75 24.58 -15.42
C ALA H 9 21.68 25.60 -14.99
N ARG H 10 22.12 26.64 -14.28
CA ARG H 10 21.22 27.74 -13.85
C ARG H 10 20.62 28.48 -15.03
N GLY H 11 21.47 28.88 -15.97
CA GLY H 11 21.05 29.68 -17.12
C GLY H 11 20.26 28.90 -18.16
N ASN H 12 20.63 27.63 -18.34
CA ASN H 12 19.99 26.77 -19.34
C ASN H 12 19.43 25.50 -18.71
N LEU H 13 18.62 25.67 -17.66
CA LEU H 13 17.99 24.54 -16.99
C LEU H 13 16.98 23.86 -17.91
N SER H 14 16.12 24.66 -18.55
CA SER H 14 15.07 24.14 -19.42
C SER H 14 15.62 23.35 -20.62
N GLU H 15 16.84 23.64 -21.05
CA GLU H 15 17.51 22.88 -22.10
C GLU H 15 18.08 21.56 -21.57
N VAL H 16 18.54 21.58 -20.32
CA VAL H 16 19.00 20.36 -19.64
C VAL H 16 17.84 19.38 -19.50
N ASN H 18 15.11 18.92 -21.65
CA ASN H 18 14.85 18.25 -22.92
C ASN H 18 15.92 17.25 -23.30
N ASN H 19 17.16 17.52 -22.89
CA ASN H 19 18.26 16.55 -23.05
C ASN H 19 18.00 15.32 -22.18
N VAL H 20 17.75 15.56 -20.89
CA VAL H 20 17.47 14.51 -19.92
C VAL H 20 16.29 13.63 -20.33
N GLU H 21 15.19 14.26 -20.75
CA GLU H 21 14.01 13.53 -21.22
C GLU H 21 14.28 12.81 -22.55
N ALA H 22 15.21 13.34 -23.34
CA ALA H 22 15.62 12.72 -24.61
C ALA H 22 16.37 11.39 -24.40
N GLY H 23 17.04 11.25 -23.26
CA GLY H 23 17.84 10.07 -22.95
C GLY H 23 19.18 10.35 -22.28
N GLU H 24 19.60 11.61 -22.25
CA GLU H 24 20.89 12.00 -21.66
C GLU H 24 20.90 11.86 -20.13
N GLU H 25 22.11 11.73 -19.60
CA GLU H 25 22.35 11.69 -18.16
C GLU H 25 23.45 12.69 -17.85
N VAL H 26 23.07 13.87 -17.37
CA VAL H 26 23.97 15.01 -17.22
C VAL H 26 24.60 15.10 -15.83
N GLU H 27 25.92 15.23 -15.78
CA GLU H 27 26.65 15.47 -14.53
C GLU H 27 26.63 16.97 -14.23
N ILE H 28 26.72 17.32 -12.96
CA ILE H 28 26.75 18.72 -12.53
C ILE H 28 27.85 18.95 -11.50
N THR H 29 28.97 19.49 -11.97
CA THR H 29 30.12 19.78 -11.11
C THR H 29 29.91 21.07 -10.31
N ARG H 30 30.71 21.22 -9.26
CA ARG H 30 30.70 22.40 -8.40
C ARG H 30 32.14 22.86 -8.23
N ARG H 31 32.32 24.15 -7.90
CA ARG H 31 33.64 24.72 -7.61
C ARG H 31 34.60 23.70 -6.98
N GLY H 32 34.25 23.25 -5.78
CA GLY H 32 34.96 22.17 -5.10
C GLY H 32 33.99 21.11 -4.62
N ARG H 33 34.52 20.09 -3.94
CA ARG H 33 33.71 19.02 -3.35
C ARG H 33 33.01 18.12 -4.40
N GLU H 34 31.91 17.46 -4.01
CA GLU H 34 31.32 16.37 -4.79
C GLU H 34 30.35 16.84 -5.88
N PRO H 35 30.29 16.09 -7.01
CA PRO H 35 29.40 16.42 -8.11
C PRO H 35 28.03 15.75 -7.99
N ALA H 36 27.11 16.17 -8.85
CA ALA H 36 25.74 15.63 -8.88
C ALA H 36 25.36 15.20 -10.29
N VAL H 37 24.42 14.26 -10.40
CA VAL H 37 23.93 13.78 -11.68
C VAL H 37 22.43 13.97 -11.80
N ILE H 38 21.99 14.57 -12.90
CA ILE H 38 20.57 14.69 -13.21
C ILE H 38 20.23 13.65 -14.25
N ALA H 39 19.07 13.02 -14.09
CA ALA H 39 18.60 11.99 -15.01
C ALA H 39 17.08 11.98 -15.05
N SER H 40 16.52 11.21 -15.99
CA SER H 40 15.08 11.02 -16.05
C SER H 40 14.64 10.15 -14.88
N LYS H 41 13.47 10.43 -14.33
CA LYS H 41 12.92 9.65 -13.23
C LYS H 41 12.81 8.18 -13.63
N ALA H 42 12.19 7.94 -14.79
CA ALA H 42 12.01 6.58 -15.31
C ALA H 42 13.31 5.75 -15.26
N THR H 43 14.41 6.38 -15.65
CA THR H 43 15.72 5.74 -15.68
C THR H 43 16.25 5.54 -14.26
N PHE H 44 16.21 6.61 -13.49
CA PHE H 44 16.71 6.58 -12.12
C PHE H 44 16.06 5.46 -11.33
N GLU H 45 14.74 5.36 -11.40
CA GLU H 45 13.97 4.36 -10.65
C GLU H 45 14.29 2.93 -11.08
N ALA H 46 14.51 2.72 -12.37
CA ALA H 46 14.90 1.41 -12.89
C ALA H 46 16.28 0.97 -12.37
N TYR H 47 17.22 1.91 -12.31
CA TYR H 47 18.55 1.65 -11.75
C TYR H 47 18.46 1.42 -10.25
N LYS H 48 17.73 2.29 -9.57
CA LYS H 48 17.44 2.15 -8.13
C LYS H 48 16.80 0.81 -7.82
N LYS H 49 15.90 0.37 -8.69
CA LYS H 49 15.18 -0.89 -8.49
C LYS H 49 16.10 -2.09 -8.70
N ALA H 50 16.97 -2.02 -9.70
CA ALA H 50 17.94 -3.08 -9.96
C ALA H 50 18.86 -3.26 -8.76
N ALA H 51 19.31 -2.14 -8.20
CA ALA H 51 20.15 -2.14 -7.00
C ALA H 51 19.42 -2.80 -5.83
N LEU H 52 18.15 -2.46 -5.65
CA LEU H 52 17.35 -3.00 -4.57
C LEU H 52 17.06 -4.47 -4.80
N ASP H 53 16.73 -4.84 -6.04
CA ASP H 53 16.44 -6.24 -6.38
C ASP H 53 17.60 -7.18 -6.08
N ALA H 54 18.83 -6.69 -6.24
CA ALA H 54 20.04 -7.47 -5.98
C ALA H 54 20.32 -7.57 -4.50
N GLU H 55 20.09 -6.47 -3.80
CA GLU H 55 20.26 -6.40 -2.35
C GLU H 55 19.39 -7.44 -1.67
N PHE H 56 18.15 -7.60 -2.15
CA PHE H 56 17.24 -8.63 -1.62
C PHE H 56 17.73 -10.03 -1.96
N ALA H 57 18.21 -10.21 -3.18
CA ALA H 57 18.65 -11.52 -3.65
C ALA H 57 19.77 -12.07 -2.77
N SER H 58 20.76 -11.25 -2.45
CA SER H 58 21.89 -11.73 -1.63
C SER H 58 21.45 -11.93 -0.20
N LEU H 59 20.54 -11.09 0.28
CA LEU H 59 19.98 -11.26 1.61
C LEU H 59 19.22 -12.57 1.71
N PHE H 60 18.40 -12.86 0.70
CA PHE H 60 17.66 -14.11 0.67
C PHE H 60 18.60 -15.30 0.60
N ASP H 61 19.62 -15.21 -0.25
CA ASP H 61 20.64 -16.25 -0.32
C ASP H 61 21.25 -16.53 1.05
N THR H 62 21.57 -15.48 1.79
CA THR H 62 22.22 -15.61 3.09
C THR H 62 21.35 -16.35 4.10
N LEU H 63 20.04 -16.13 4.05
CA LEU H 63 19.08 -16.70 5.02
C LEU H 63 18.08 -17.63 4.35
N ASP H 64 18.52 -18.36 3.34
CA ASP H 64 17.62 -19.16 2.52
C ASP H 64 16.98 -20.27 3.33
N SER H 65 17.75 -20.88 4.21
CA SER H 65 17.28 -22.03 4.98
C SER H 65 16.11 -21.65 5.89
N THR H 66 16.27 -20.56 6.65
CA THR H 66 15.24 -20.08 7.58
C THR H 66 14.02 -19.49 6.87
N ASN H 67 14.26 -18.80 5.75
CA ASN H 67 13.14 -18.38 4.91
C ASN H 67 12.29 -19.56 4.48
N LYS H 68 12.91 -20.69 4.15
CA LYS H 68 12.20 -21.91 3.75
C LYS H 68 11.45 -22.55 4.93
N GLU H 69 12.08 -22.54 6.09
CA GLU H 69 11.50 -23.14 7.28
C GLU H 69 10.25 -22.37 7.73
N LEU H 70 10.35 -21.05 7.75
CA LEU H 70 9.26 -20.18 8.24
C LEU H 70 7.99 -20.26 7.39
N VAL H 71 8.15 -20.61 6.11
CA VAL H 71 7.02 -20.78 5.19
C VAL H 71 5.98 -21.73 5.78
N ASN H 72 6.46 -22.78 6.45
CA ASN H 72 5.59 -23.79 7.08
C ASN H 72 5.17 -23.43 8.52
N ARG H 73 5.18 -22.14 8.86
CA ARG H 73 4.81 -21.68 10.22
C ARG H 73 3.69 -20.63 10.21
#